data_6W7J
#
_entry.id   6W7J
#
_cell.length_a   49.997
_cell.length_b   105.466
_cell.length_c   193.574
_cell.angle_alpha   90.000
_cell.angle_beta   90.000
_cell.angle_gamma   90.000
#
_symmetry.space_group_name_H-M   'P 21 21 21'
#
loop_
_entity.id
_entity.type
_entity.pdbx_description
1 polymer 'Tyrosyl-DNA phosphodiesterase 1'
2 non-polymer '4-{[2-(2-hydroxyphenyl)imidazo[1,2-a]pyridin-3-yl]amino}benzene-1,2-dicarboxylic acid'
3 non-polymer 1,2-ETHANEDIOL
4 water water
#
_entity_poly.entity_id   1
_entity_poly.type   'polypeptide(L)'
_entity_poly.pdbx_seq_one_letter_code
;SGEGQDIWDMLDKGNPFQFYLTRVSGVKPKYNSGALHIKDILSPLFGTLVSSAQFNYCFDVDWLVKQYPPEFRKKPILLV
HGDKREAKAHLHAQAKPYENISLCQAKLDIAFGTHHTKMMLLLYEEGLRVVIHTSNLIHADWHQKTQGIWLSPLYPRIAD
GTHKSGESPTHFKADLISYLMAYNAPSLKEWIDVIHKHDLSETNVYLIGSTPGRFQGSQKDNWGHFRLKKLLKDHASSMP
NAESWPVVGQFSSVGSLGADESKWLCSEFKESMLTLGKESKTPGKSSVPLYLIYPSVENVRTSLEGYPAGGSLPYSIQTA
EKQNWLHSYFHKWSAETSGRSNAMPHIKTYMRPSPDFSKIAWFLVTSANLSKAAWGALEKNGTQLMIRSYELGVLFLPSA
FGLDSFKVKQKFFAGSQEPMATFPVPYDLPPELYGSKDRPWIWNIPYVKAPDTHGNMWVPS
;
_entity_poly.pdbx_strand_id   A,B
#
# COMPACT_ATOMS: atom_id res chain seq x y z
N ASN A 15 -12.19 -10.73 -17.87
CA ASN A 15 -11.73 -9.37 -17.59
C ASN A 15 -11.37 -9.21 -16.12
N PRO A 16 -10.31 -8.45 -15.85
CA PRO A 16 -9.95 -8.18 -14.45
C PRO A 16 -10.72 -7.01 -13.84
N PHE A 17 -11.47 -6.25 -14.64
CA PHE A 17 -11.95 -4.97 -14.14
C PHE A 17 -13.27 -5.07 -13.38
N GLN A 18 -14.17 -5.98 -13.78
CA GLN A 18 -15.44 -6.15 -13.08
C GLN A 18 -16.22 -4.83 -13.02
N PHE A 19 -16.18 -4.11 -14.13
CA PHE A 19 -16.94 -2.88 -14.31
C PHE A 19 -18.08 -3.17 -15.26
N TYR A 20 -19.32 -2.93 -14.80
CA TYR A 20 -20.51 -3.28 -15.54
C TYR A 20 -21.41 -2.06 -15.71
N LEU A 21 -22.26 -2.12 -16.72
CA LEU A 21 -23.38 -1.19 -16.83
C LEU A 21 -24.66 -1.91 -16.40
N THR A 22 -25.64 -1.12 -15.96
CA THR A 22 -26.95 -1.69 -15.69
C THR A 22 -27.68 -2.02 -17.00
N ARG A 23 -28.62 -2.93 -16.91
CA ARG A 23 -29.45 -3.30 -18.05
C ARG A 23 -30.32 -2.13 -18.47
N VAL A 24 -30.50 -1.95 -19.78
CA VAL A 24 -31.37 -0.90 -20.33
C VAL A 24 -32.52 -1.55 -21.08
N SER A 25 -33.74 -1.26 -20.63
N SER A 25 -33.75 -1.26 -20.62
CA SER A 25 -34.92 -1.79 -21.31
CA SER A 25 -34.93 -1.78 -21.32
C SER A 25 -35.13 -1.04 -22.62
C SER A 25 -35.12 -1.04 -22.63
N GLY A 26 -35.12 -1.77 -23.73
CA GLY A 26 -35.38 -1.20 -25.04
C GLY A 26 -34.22 -1.23 -26.00
N VAL A 27 -33.02 -1.56 -25.58
CA VAL A 27 -31.91 -1.75 -26.50
C VAL A 27 -31.87 -3.22 -26.92
N LYS A 28 -31.21 -3.48 -28.05
CA LYS A 28 -31.11 -4.83 -28.55
C LYS A 28 -30.35 -5.71 -27.54
N PRO A 29 -30.68 -7.01 -27.50
CA PRO A 29 -30.04 -7.90 -26.53
C PRO A 29 -28.51 -7.85 -26.50
N LYS A 30 -27.87 -7.63 -27.65
CA LYS A 30 -26.41 -7.55 -27.68
C LYS A 30 -25.87 -6.45 -26.75
N TYR A 31 -26.65 -5.40 -26.52
CA TYR A 31 -26.23 -4.31 -25.65
C TYR A 31 -26.59 -4.54 -24.19
N ASN A 32 -27.24 -5.66 -23.87
CA ASN A 32 -27.45 -6.05 -22.48
C ASN A 32 -26.70 -7.32 -22.10
N SER A 33 -25.99 -7.94 -23.06
CA SER A 33 -25.15 -9.10 -22.78
C SER A 33 -23.96 -8.66 -21.93
N GLY A 34 -23.95 -9.07 -20.68
CA GLY A 34 -22.91 -8.62 -19.79
C GLY A 34 -23.26 -7.38 -19.01
N ALA A 35 -24.49 -6.88 -19.15
CA ALA A 35 -25.01 -5.86 -18.25
C ALA A 35 -25.70 -6.54 -17.07
N LEU A 36 -25.87 -5.80 -15.98
CA LEU A 36 -26.43 -6.37 -14.76
C LEU A 36 -27.64 -5.57 -14.29
N HIS A 37 -28.73 -6.26 -14.01
CA HIS A 37 -29.83 -5.67 -13.28
C HIS A 37 -29.66 -5.94 -11.79
N ILE A 38 -30.35 -5.15 -10.96
CA ILE A 38 -30.24 -5.34 -9.52
C ILE A 38 -30.65 -6.76 -9.11
N LYS A 39 -31.65 -7.33 -9.81
CA LYS A 39 -32.03 -8.71 -9.50
C LYS A 39 -30.90 -9.68 -9.79
N ASP A 40 -30.04 -9.39 -10.76
CA ASP A 40 -28.87 -10.26 -10.99
C ASP A 40 -27.88 -10.14 -9.86
N ILE A 41 -27.62 -8.92 -9.37
CA ILE A 41 -26.65 -8.70 -8.29
C ILE A 41 -27.06 -9.46 -7.04
N LEU A 42 -28.35 -9.46 -6.72
CA LEU A 42 -28.86 -10.04 -5.49
C LEU A 42 -29.22 -11.52 -5.63
N SER A 43 -29.01 -12.09 -6.82
N SER A 43 -29.07 -12.09 -6.83
CA SER A 43 -29.41 -13.46 -7.11
CA SER A 43 -29.50 -13.46 -7.07
C SER A 43 -28.67 -14.44 -6.20
C SER A 43 -28.69 -14.44 -6.24
N PRO A 44 -29.25 -15.61 -5.94
N PRO A 44 -29.25 -15.62 -5.93
CA PRO A 44 -28.52 -16.65 -5.19
CA PRO A 44 -28.49 -16.62 -5.18
C PRO A 44 -27.26 -17.11 -5.90
C PRO A 44 -27.25 -17.11 -5.90
N LEU A 45 -27.15 -16.91 -7.21
CA LEU A 45 -25.93 -17.29 -7.92
C LEU A 45 -24.74 -16.45 -7.45
N PHE A 46 -24.98 -15.24 -6.91
CA PHE A 46 -23.89 -14.41 -6.41
C PHE A 46 -23.50 -14.75 -4.99
N GLY A 47 -24.33 -15.47 -4.25
CA GLY A 47 -24.04 -15.83 -2.88
C GLY A 47 -25.33 -16.06 -2.11
N THR A 48 -25.20 -16.82 -1.02
CA THR A 48 -26.35 -17.14 -0.16
C THR A 48 -26.45 -16.06 0.90
N LEU A 49 -27.38 -15.14 0.71
CA LEU A 49 -27.42 -13.92 1.52
C LEU A 49 -27.78 -14.21 2.97
N VAL A 50 -26.97 -13.66 3.87
N VAL A 50 -27.09 -13.56 3.90
CA VAL A 50 -27.25 -13.63 5.30
CA VAL A 50 -27.51 -13.57 5.29
C VAL A 50 -27.83 -12.28 5.71
C VAL A 50 -27.78 -12.18 5.86
N SER A 51 -27.23 -11.19 5.26
N SER A 51 -27.23 -11.13 5.27
CA SER A 51 -27.69 -9.85 5.55
CA SER A 51 -27.49 -9.77 5.71
C SER A 51 -27.07 -8.89 4.56
C SER A 51 -26.94 -8.82 4.65
N SER A 52 -27.57 -7.66 4.52
CA SER A 52 -27.09 -6.68 3.57
C SER A 52 -27.24 -5.28 4.12
N ALA A 53 -26.40 -4.38 3.59
CA ALA A 53 -26.49 -2.96 3.85
C ALA A 53 -26.62 -2.26 2.50
N GLN A 54 -27.59 -1.36 2.39
CA GLN A 54 -27.81 -0.60 1.17
C GLN A 54 -27.57 0.87 1.49
N PHE A 55 -26.44 1.40 1.04
CA PHE A 55 -26.12 2.82 1.15
C PHE A 55 -26.69 3.50 -0.09
N ASN A 56 -27.44 4.57 0.09
CA ASN A 56 -27.96 5.26 -1.08
C ASN A 56 -28.47 6.64 -0.72
N TYR A 57 -29.02 7.31 -1.73
CA TYR A 57 -29.67 8.60 -1.56
C TYR A 57 -31.18 8.47 -1.52
N CYS A 58 -31.79 7.83 -2.52
N CYS A 58 -31.77 7.85 -2.53
CA CYS A 58 -33.25 7.70 -2.63
CA CYS A 58 -33.21 7.65 -2.66
C CYS A 58 -33.61 6.22 -2.66
C CYS A 58 -33.52 6.17 -2.54
N PHE A 59 -34.70 5.87 -1.97
CA PHE A 59 -35.15 4.49 -1.81
C PHE A 59 -36.65 4.41 -2.08
N ASP A 60 -37.04 3.38 -2.81
CA ASP A 60 -38.42 2.90 -2.86
C ASP A 60 -38.35 1.52 -2.20
N VAL A 61 -38.78 1.46 -0.93
CA VAL A 61 -38.54 0.26 -0.14
C VAL A 61 -39.35 -0.92 -0.67
N ASP A 62 -40.62 -0.68 -1.05
CA ASP A 62 -41.42 -1.77 -1.59
C ASP A 62 -40.75 -2.36 -2.82
N TRP A 63 -40.29 -1.50 -3.72
CA TRP A 63 -39.59 -1.97 -4.91
C TRP A 63 -38.31 -2.69 -4.52
N LEU A 64 -37.54 -2.12 -3.59
CA LEU A 64 -36.25 -2.69 -3.22
C LEU A 64 -36.41 -4.12 -2.71
N VAL A 65 -37.37 -4.36 -1.81
CA VAL A 65 -37.52 -5.69 -1.25
C VAL A 65 -37.87 -6.70 -2.35
N LYS A 66 -38.67 -6.28 -3.33
CA LYS A 66 -39.01 -7.15 -4.45
C LYS A 66 -37.81 -7.50 -5.31
N GLN A 67 -36.70 -6.75 -5.21
CA GLN A 67 -35.52 -7.08 -6.00
C GLN A 67 -34.70 -8.20 -5.39
N TYR A 68 -34.86 -8.47 -4.10
CA TYR A 68 -34.18 -9.60 -3.49
C TYR A 68 -34.90 -10.89 -3.87
N PRO A 69 -34.18 -12.00 -3.99
CA PRO A 69 -34.84 -13.28 -4.26
C PRO A 69 -35.86 -13.57 -3.17
N PRO A 70 -37.00 -14.19 -3.51
CA PRO A 70 -38.03 -14.44 -2.49
C PRO A 70 -37.49 -15.08 -1.23
N GLU A 71 -36.57 -16.04 -1.37
CA GLU A 71 -36.04 -16.76 -0.22
C GLU A 71 -35.15 -15.89 0.67
N PHE A 72 -34.71 -14.73 0.18
CA PHE A 72 -33.83 -13.85 0.94
C PHE A 72 -34.53 -12.59 1.44
N ARG A 73 -35.83 -12.43 1.20
CA ARG A 73 -36.51 -11.16 1.48
C ARG A 73 -36.70 -10.87 2.95
N LYS A 74 -36.51 -11.86 3.83
CA LYS A 74 -36.64 -11.65 5.26
C LYS A 74 -35.30 -11.49 5.96
N LYS A 75 -34.19 -11.61 5.23
CA LYS A 75 -32.89 -11.39 5.84
C LYS A 75 -32.72 -9.93 6.21
N PRO A 76 -31.93 -9.62 7.23
CA PRO A 76 -31.79 -8.22 7.67
C PRO A 76 -31.24 -7.34 6.57
N ILE A 77 -31.84 -6.15 6.44
CA ILE A 77 -31.37 -5.10 5.53
C ILE A 77 -31.16 -3.83 6.35
N LEU A 78 -30.03 -3.16 6.16
CA LEU A 78 -29.77 -1.86 6.75
C LEU A 78 -29.81 -0.83 5.64
N LEU A 79 -30.62 0.22 5.80
CA LEU A 79 -30.66 1.32 4.83
C LEU A 79 -29.86 2.49 5.40
N VAL A 80 -28.80 2.88 4.70
CA VAL A 80 -27.96 4.01 5.12
C VAL A 80 -28.30 5.19 4.24
N HIS A 81 -28.81 6.26 4.85
CA HIS A 81 -29.37 7.39 4.12
C HIS A 81 -28.99 8.67 4.85
N GLY A 82 -29.34 9.81 4.25
CA GLY A 82 -29.07 11.09 4.88
C GLY A 82 -30.29 11.96 5.18
N ASP A 83 -31.48 11.38 5.12
CA ASP A 83 -32.72 12.17 5.24
C ASP A 83 -32.94 12.66 6.66
N LYS A 84 -33.55 13.84 6.77
CA LYS A 84 -33.88 14.48 8.03
C LYS A 84 -35.36 14.84 8.05
N ARG A 85 -35.87 15.13 9.25
CA ARG A 85 -37.18 15.79 9.46
C ARG A 85 -38.27 15.00 8.73
N GLU A 86 -39.10 15.64 7.91
CA GLU A 86 -40.21 14.94 7.28
C GLU A 86 -39.74 13.89 6.29
N ALA A 87 -38.64 14.16 5.58
CA ALA A 87 -38.10 13.16 4.66
C ALA A 87 -37.69 11.90 5.41
N LYS A 88 -37.01 12.07 6.56
CA LYS A 88 -36.66 10.92 7.38
C LYS A 88 -37.91 10.16 7.83
N ALA A 89 -38.95 10.88 8.23
CA ALA A 89 -40.17 10.21 8.68
C ALA A 89 -40.81 9.42 7.53
N HIS A 90 -40.76 9.97 6.32
CA HIS A 90 -41.33 9.25 5.17
C HIS A 90 -40.56 7.96 4.91
N LEU A 91 -39.24 7.99 5.04
CA LEU A 91 -38.45 6.79 4.81
C LEU A 91 -38.76 5.73 5.86
N HIS A 92 -38.84 6.14 7.12
CA HIS A 92 -39.19 5.19 8.17
C HIS A 92 -40.58 4.60 7.94
N ALA A 93 -41.51 5.42 7.43
CA ALA A 93 -42.86 4.90 7.18
C ALA A 93 -42.85 3.87 6.05
N GLN A 94 -41.99 4.10 5.04
CA GLN A 94 -41.82 3.13 3.96
C GLN A 94 -41.31 1.80 4.49
N ALA A 95 -40.40 1.84 5.44
CA ALA A 95 -39.73 0.64 5.93
C ALA A 95 -40.50 -0.05 7.04
N LYS A 96 -41.40 0.66 7.72
CA LYS A 96 -42.10 0.10 8.87
C LYS A 96 -42.78 -1.24 8.62
N PRO A 97 -43.40 -1.51 7.45
CA PRO A 97 -44.03 -2.82 7.25
C PRO A 97 -43.05 -3.99 7.25
N TYR A 98 -41.74 -3.74 7.10
CA TYR A 98 -40.73 -4.78 6.99
C TYR A 98 -39.90 -4.78 8.28
N GLU A 99 -40.20 -5.71 9.18
CA GLU A 99 -39.53 -5.74 10.47
C GLU A 99 -38.06 -6.09 10.38
N ASN A 100 -37.60 -6.63 9.25
CA ASN A 100 -36.19 -6.95 9.05
C ASN A 100 -35.38 -5.77 8.58
N ILE A 101 -35.99 -4.60 8.34
CA ILE A 101 -35.28 -3.44 7.83
C ILE A 101 -34.97 -2.50 8.97
N SER A 102 -33.68 -2.15 9.11
N SER A 102 -33.69 -2.14 9.11
CA SER A 102 -33.18 -1.14 10.02
CA SER A 102 -33.25 -1.11 10.03
C SER A 102 -32.66 0.04 9.20
C SER A 102 -32.65 0.04 9.23
N LEU A 103 -32.58 1.21 9.84
CA LEU A 103 -32.13 2.41 9.18
C LEU A 103 -30.98 3.05 9.94
N CYS A 104 -30.06 3.68 9.19
CA CYS A 104 -28.96 4.44 9.76
C CYS A 104 -28.97 5.82 9.10
N GLN A 105 -29.20 6.85 9.89
CA GLN A 105 -29.18 8.23 9.40
C GLN A 105 -27.75 8.75 9.48
N ALA A 106 -27.13 8.94 8.32
CA ALA A 106 -25.77 9.46 8.27
C ALA A 106 -25.78 10.94 8.65
N LYS A 107 -24.89 11.33 9.56
CA LYS A 107 -24.86 12.72 10.01
C LYS A 107 -24.40 13.63 8.88
N LEU A 108 -25.12 14.74 8.71
CA LEU A 108 -24.81 15.76 7.70
C LEU A 108 -24.76 17.07 8.46
N ASP A 109 -23.64 17.32 9.13
CA ASP A 109 -23.52 18.46 10.03
C ASP A 109 -23.07 19.72 9.33
N ILE A 110 -22.71 19.65 8.05
CA ILE A 110 -22.41 20.83 7.26
C ILE A 110 -23.58 21.10 6.32
N ALA A 111 -23.96 22.37 6.21
CA ALA A 111 -25.14 22.72 5.43
C ALA A 111 -24.97 22.33 3.97
N PHE A 112 -26.10 21.98 3.33
CA PHE A 112 -26.16 21.69 1.91
C PHE A 112 -25.41 20.43 1.51
N GLY A 113 -25.18 19.51 2.44
CA GLY A 113 -24.61 18.23 2.12
C GLY A 113 -25.67 17.17 1.87
N THR A 114 -25.24 16.09 1.23
CA THR A 114 -26.11 15.01 0.81
C THR A 114 -25.39 13.69 1.07
N HIS A 115 -26.16 12.65 1.41
CA HIS A 115 -25.61 11.30 1.45
C HIS A 115 -25.81 10.68 0.08
N HIS A 116 -24.76 10.74 -0.74
N HIS A 116 -24.79 10.80 -0.79
CA HIS A 116 -24.83 10.41 -2.15
CA HIS A 116 -24.89 10.37 -2.18
C HIS A 116 -24.15 9.10 -2.50
C HIS A 116 -24.36 8.96 -2.40
N THR A 117 -23.46 8.48 -1.55
CA THR A 117 -22.80 7.19 -1.77
C THR A 117 -23.80 6.08 -2.08
N LYS A 118 -23.48 5.28 -3.08
CA LYS A 118 -24.29 4.15 -3.50
C LYS A 118 -23.44 2.89 -3.41
N MET A 119 -23.73 2.05 -2.43
CA MET A 119 -22.92 0.88 -2.14
C MET A 119 -23.80 -0.19 -1.52
N MET A 120 -23.54 -1.43 -1.90
CA MET A 120 -24.13 -2.59 -1.23
C MET A 120 -23.03 -3.35 -0.50
N LEU A 121 -23.30 -3.71 0.74
CA LEU A 121 -22.48 -4.71 1.44
C LEU A 121 -23.34 -5.95 1.56
N LEU A 122 -22.84 -7.06 1.02
CA LEU A 122 -23.61 -8.29 0.91
C LEU A 122 -22.86 -9.39 1.67
N LEU A 123 -23.39 -9.77 2.82
CA LEU A 123 -22.78 -10.81 3.62
C LEU A 123 -23.44 -12.14 3.29
N TYR A 124 -22.64 -13.13 2.92
CA TYR A 124 -23.14 -14.43 2.50
C TYR A 124 -22.62 -15.51 3.43
N GLU A 125 -23.25 -16.67 3.32
N GLU A 125 -23.24 -16.69 3.32
CA GLU A 125 -22.72 -17.88 3.94
CA GLU A 125 -22.69 -17.87 3.98
C GLU A 125 -21.29 -18.16 3.47
C GLU A 125 -21.30 -18.22 3.45
N GLU A 126 -20.98 -17.80 2.23
CA GLU A 126 -19.73 -18.13 1.57
C GLU A 126 -18.67 -17.04 1.65
N GLY A 127 -19.02 -15.86 2.14
CA GLY A 127 -18.05 -14.76 2.16
C GLY A 127 -18.79 -13.43 2.15
N LEU A 128 -18.10 -12.42 1.62
CA LEU A 128 -18.60 -11.05 1.62
C LEU A 128 -18.37 -10.45 0.24
N ARG A 129 -19.31 -9.63 -0.22
CA ARG A 129 -19.15 -8.88 -1.46
C ARG A 129 -19.45 -7.42 -1.22
N VAL A 130 -18.70 -6.55 -1.89
CA VAL A 130 -18.90 -5.11 -1.89
C VAL A 130 -19.27 -4.69 -3.30
N VAL A 131 -20.34 -3.91 -3.43
CA VAL A 131 -20.79 -3.39 -4.72
C VAL A 131 -20.81 -1.88 -4.62
N ILE A 132 -20.04 -1.19 -5.45
CA ILE A 132 -20.05 0.27 -5.48
C ILE A 132 -20.59 0.68 -6.84
N HIS A 133 -21.64 1.48 -6.84
CA HIS A 133 -22.39 1.69 -8.08
C HIS A 133 -22.94 3.12 -8.10
N THR A 134 -23.80 3.41 -9.08
CA THR A 134 -24.27 4.78 -9.26
C THR A 134 -25.79 4.96 -9.21
N SER A 135 -26.56 3.91 -8.96
CA SER A 135 -28.01 3.98 -9.14
C SER A 135 -28.72 4.16 -7.80
N ASN A 136 -29.71 5.04 -7.78
CA ASN A 136 -30.66 5.06 -6.67
C ASN A 136 -31.47 3.78 -6.65
N LEU A 137 -32.08 3.49 -5.49
CA LEU A 137 -32.85 2.26 -5.31
C LEU A 137 -34.33 2.50 -5.62
N ILE A 138 -34.56 2.89 -6.88
CA ILE A 138 -35.88 3.15 -7.43
C ILE A 138 -35.93 2.56 -8.83
N HIS A 139 -37.15 2.23 -9.28
CA HIS A 139 -37.31 1.55 -10.56
C HIS A 139 -36.66 2.32 -11.70
N ALA A 140 -36.88 3.64 -11.75
CA ALA A 140 -36.43 4.42 -12.91
C ALA A 140 -34.92 4.42 -13.05
N ASP A 141 -34.18 4.29 -11.94
CA ASP A 141 -32.73 4.37 -12.07
C ASP A 141 -32.14 3.13 -12.71
N TRP A 142 -32.86 2.01 -12.74
CA TRP A 142 -32.38 0.74 -13.31
C TRP A 142 -33.09 0.40 -14.62
N HIS A 143 -33.90 1.32 -15.13
CA HIS A 143 -34.78 1.02 -16.26
C HIS A 143 -34.16 1.43 -17.59
N GLN A 144 -33.97 2.73 -17.83
CA GLN A 144 -33.49 3.22 -19.12
C GLN A 144 -32.34 4.21 -18.98
N LYS A 145 -31.52 4.09 -17.93
CA LYS A 145 -30.40 4.99 -17.73
C LYS A 145 -29.08 4.27 -17.95
N THR A 146 -28.03 5.03 -18.23
CA THR A 146 -26.68 4.50 -18.19
C THR A 146 -26.15 4.66 -16.76
N GLN A 147 -25.89 3.54 -16.09
CA GLN A 147 -25.39 3.51 -14.73
C GLN A 147 -24.22 2.56 -14.68
N GLY A 148 -23.29 2.80 -13.73
CA GLY A 148 -22.09 1.98 -13.58
C GLY A 148 -22.09 1.17 -12.29
N ILE A 149 -21.45 0.00 -12.35
CA ILE A 149 -21.35 -0.92 -11.23
C ILE A 149 -19.92 -1.47 -11.17
N TRP A 150 -19.32 -1.46 -9.98
CA TRP A 150 -18.12 -2.24 -9.71
C TRP A 150 -18.48 -3.37 -8.75
N LEU A 151 -18.16 -4.60 -9.15
CA LEU A 151 -18.42 -5.79 -8.33
C LEU A 151 -17.10 -6.27 -7.75
N SER A 152 -17.02 -6.31 -6.41
CA SER A 152 -15.85 -6.88 -5.79
C SER A 152 -15.81 -8.38 -6.04
N PRO A 153 -14.66 -9.02 -5.85
CA PRO A 153 -14.63 -10.48 -5.76
C PRO A 153 -15.41 -10.95 -4.54
N LEU A 154 -15.68 -12.25 -4.51
CA LEU A 154 -16.19 -12.89 -3.31
C LEU A 154 -15.04 -12.98 -2.31
N TYR A 155 -15.14 -12.23 -1.23
CA TYR A 155 -14.08 -12.21 -0.23
C TYR A 155 -14.32 -13.33 0.76
N PRO A 156 -13.40 -14.28 0.93
CA PRO A 156 -13.60 -15.35 1.90
C PRO A 156 -13.40 -14.87 3.33
N ARG A 157 -13.99 -15.61 4.26
CA ARG A 157 -13.80 -15.32 5.67
C ARG A 157 -12.42 -15.80 6.10
N ILE A 158 -11.77 -15.02 6.96
CA ILE A 158 -10.53 -15.46 7.58
C ILE A 158 -10.86 -16.42 8.69
N ALA A 159 -10.15 -17.54 8.75
CA ALA A 159 -10.47 -18.58 9.71
C ALA A 159 -10.30 -18.09 11.15
N ASP A 160 -11.21 -18.51 12.02
CA ASP A 160 -11.09 -18.19 13.44
C ASP A 160 -9.75 -18.66 13.98
N GLY A 161 -9.07 -17.79 14.71
CA GLY A 161 -7.75 -18.08 15.21
C GLY A 161 -6.61 -17.71 14.29
N THR A 162 -6.89 -17.44 13.02
CA THR A 162 -5.87 -17.04 12.06
C THR A 162 -5.69 -15.52 12.12
N HIS A 163 -4.45 -15.08 12.24
CA HIS A 163 -4.11 -13.66 12.27
C HIS A 163 -3.45 -13.30 10.95
N LYS A 164 -4.22 -12.66 10.07
CA LYS A 164 -3.69 -12.09 8.84
C LYS A 164 -4.40 -10.78 8.58
N SER A 165 -3.82 -9.94 7.74
CA SER A 165 -4.42 -8.63 7.53
C SER A 165 -5.64 -8.72 6.63
N GLY A 166 -5.62 -9.63 5.64
CA GLY A 166 -6.65 -9.59 4.61
C GLY A 166 -6.59 -8.36 3.74
N GLU A 167 -5.44 -7.68 3.69
CA GLU A 167 -5.32 -6.40 3.01
C GLU A 167 -4.83 -6.59 1.57
N SER A 168 -5.29 -5.71 0.69
CA SER A 168 -4.87 -5.73 -0.70
C SER A 168 -3.72 -4.76 -0.93
N PRO A 169 -2.99 -4.89 -2.04
CA PRO A 169 -1.96 -3.88 -2.37
C PRO A 169 -2.51 -2.48 -2.55
N THR A 170 -3.81 -2.32 -2.77
CA THR A 170 -4.41 -1.00 -2.90
C THR A 170 -4.93 -0.46 -1.57
N HIS A 171 -4.78 -1.21 -0.47
CA HIS A 171 -5.18 -0.76 0.87
C HIS A 171 -6.69 -0.67 0.99
N PHE A 172 -7.42 -1.38 0.12
CA PHE A 172 -8.87 -1.22 0.05
C PHE A 172 -9.57 -1.58 1.37
N LYS A 173 -9.08 -2.60 2.08
CA LYS A 173 -9.76 -3.02 3.30
C LYS A 173 -9.70 -1.94 4.36
N ALA A 174 -8.51 -1.43 4.65
CA ALA A 174 -8.37 -0.37 5.63
C ALA A 174 -9.10 0.88 5.16
N ASP A 175 -9.07 1.16 3.86
CA ASP A 175 -9.70 2.38 3.34
C ASP A 175 -11.22 2.30 3.45
N LEU A 176 -11.81 1.13 3.17
CA LEU A 176 -13.25 0.96 3.33
C LEU A 176 -13.65 1.08 4.80
N ILE A 177 -12.86 0.46 5.69
CA ILE A 177 -13.14 0.59 7.11
C ILE A 177 -13.06 2.06 7.55
N SER A 178 -12.05 2.78 7.07
N SER A 178 -12.05 2.78 7.05
CA SER A 178 -11.92 4.21 7.39
CA SER A 178 -11.94 4.21 7.40
C SER A 178 -13.14 4.99 6.91
C SER A 178 -13.13 5.00 6.91
N TYR A 179 -13.61 4.71 5.70
CA TYR A 179 -14.82 5.36 5.18
C TYR A 179 -16.01 5.11 6.11
N LEU A 180 -16.20 3.85 6.54
CA LEU A 180 -17.32 3.52 7.41
C LEU A 180 -17.16 4.12 8.79
N MET A 181 -15.92 4.19 9.31
N MET A 181 -15.92 4.18 9.30
CA MET A 181 -15.69 4.75 10.63
CA MET A 181 -15.66 4.76 10.63
C MET A 181 -16.11 6.21 10.70
C MET A 181 -16.11 6.20 10.70
N ALA A 182 -16.04 6.93 9.58
CA ALA A 182 -16.39 8.35 9.56
C ALA A 182 -17.86 8.58 9.91
N TYR A 183 -18.73 7.59 9.72
CA TYR A 183 -20.14 7.77 10.07
C TYR A 183 -20.35 7.80 11.58
N ASN A 184 -19.47 7.17 12.36
CA ASN A 184 -19.63 7.10 13.82
C ASN A 184 -20.97 6.49 14.20
N ALA A 185 -21.35 5.40 13.52
CA ALA A 185 -22.68 4.83 13.63
C ALA A 185 -22.60 3.40 14.17
N PRO A 186 -23.42 3.04 15.17
CA PRO A 186 -23.32 1.67 15.71
C PRO A 186 -23.67 0.59 14.70
N SER A 187 -24.64 0.83 13.82
CA SER A 187 -24.98 -0.18 12.84
C SER A 187 -23.83 -0.41 11.86
N LEU A 188 -23.02 0.62 11.61
CA LEU A 188 -21.89 0.46 10.70
C LEU A 188 -20.68 -0.12 11.40
N LYS A 189 -20.53 0.08 12.72
CA LYS A 189 -19.48 -0.63 13.42
C LYS A 189 -19.67 -2.14 13.29
N GLU A 190 -20.93 -2.61 13.25
CA GLU A 190 -21.17 -4.03 13.03
C GLU A 190 -20.62 -4.48 11.69
N TRP A 191 -20.83 -3.68 10.65
CA TRP A 191 -20.32 -4.02 9.33
C TRP A 191 -18.80 -3.88 9.27
N ILE A 192 -18.22 -2.93 10.00
CA ILE A 192 -16.77 -2.86 10.10
C ILE A 192 -16.21 -4.16 10.67
N ASP A 193 -16.87 -4.69 11.71
CA ASP A 193 -16.41 -5.94 12.30
C ASP A 193 -16.53 -7.10 11.31
N VAL A 194 -17.58 -7.11 10.49
CA VAL A 194 -17.71 -8.11 9.43
C VAL A 194 -16.53 -7.99 8.46
N ILE A 195 -16.23 -6.77 8.02
CA ILE A 195 -15.14 -6.58 7.06
C ILE A 195 -13.81 -7.03 7.65
N HIS A 196 -13.59 -6.74 8.94
CA HIS A 196 -12.35 -7.18 9.59
C HIS A 196 -12.15 -8.69 9.47
N LYS A 197 -13.25 -9.45 9.52
CA LYS A 197 -13.19 -10.90 9.51
C LYS A 197 -13.03 -11.50 8.12
N HIS A 198 -12.93 -10.67 7.07
CA HIS A 198 -12.84 -11.20 5.72
C HIS A 198 -11.52 -10.80 5.05
N ASP A 199 -11.16 -11.58 4.04
CA ASP A 199 -9.90 -11.39 3.30
C ASP A 199 -10.22 -10.63 2.01
N LEU A 200 -9.81 -9.36 1.96
CA LEU A 200 -10.06 -8.49 0.80
C LEU A 200 -8.81 -8.33 -0.07
N SER A 201 -7.83 -9.23 0.09
CA SER A 201 -6.52 -9.02 -0.54
C SER A 201 -6.56 -9.05 -2.06
N GLU A 202 -7.56 -9.69 -2.67
CA GLU A 202 -7.63 -9.72 -4.13
C GLU A 202 -8.07 -8.41 -4.77
N THR A 203 -8.43 -7.39 -3.99
CA THR A 203 -8.98 -6.16 -4.54
C THR A 203 -7.91 -5.38 -5.30
N ASN A 204 -8.23 -5.00 -6.53
N ASN A 204 -8.19 -4.99 -6.53
CA ASN A 204 -7.30 -4.32 -7.43
CA ASN A 204 -7.22 -4.26 -7.33
C ASN A 204 -7.68 -2.86 -7.71
C ASN A 204 -7.73 -2.88 -7.76
N VAL A 205 -8.71 -2.34 -7.04
CA VAL A 205 -9.12 -0.95 -7.21
C VAL A 205 -8.80 -0.18 -5.93
N TYR A 206 -8.61 1.13 -6.08
CA TYR A 206 -8.46 2.06 -4.95
C TYR A 206 -9.79 2.72 -4.63
N LEU A 207 -10.08 2.83 -3.34
CA LEU A 207 -11.29 3.51 -2.90
C LEU A 207 -11.06 5.02 -2.87
N ILE A 208 -12.01 5.78 -3.41
CA ILE A 208 -11.99 7.24 -3.30
C ILE A 208 -13.32 7.67 -2.70
N GLY A 209 -13.29 8.08 -1.44
CA GLY A 209 -14.48 8.53 -0.76
C GLY A 209 -14.46 10.00 -0.44
N SER A 210 -15.65 10.54 -0.23
CA SER A 210 -15.84 11.84 0.39
C SER A 210 -16.71 11.64 1.63
N THR A 211 -16.39 12.37 2.69
N THR A 211 -16.37 12.34 2.70
CA THR A 211 -17.21 12.38 3.89
CA THR A 211 -17.21 12.38 3.88
C THR A 211 -17.22 13.81 4.41
C THR A 211 -17.25 13.83 4.35
N PRO A 212 -18.32 14.25 5.03
CA PRO A 212 -18.42 15.65 5.44
C PRO A 212 -17.38 16.03 6.48
N GLY A 213 -16.79 17.20 6.31
CA GLY A 213 -15.90 17.69 7.33
C GLY A 213 -14.94 18.75 6.81
N ARG A 214 -14.03 19.14 7.70
N ARG A 214 -14.02 19.13 7.69
CA ARG A 214 -12.99 20.12 7.41
CA ARG A 214 -13.00 20.12 7.40
C ARG A 214 -11.67 19.46 7.73
C ARG A 214 -11.65 19.49 7.74
N PHE A 215 -10.89 19.13 6.71
CA PHE A 215 -9.72 18.28 6.85
C PHE A 215 -8.43 19.06 6.65
N GLN A 216 -7.52 18.95 7.61
CA GLN A 216 -6.23 19.60 7.49
C GLN A 216 -5.13 18.62 7.87
N GLY A 217 -3.89 19.04 7.65
CA GLY A 217 -2.73 18.26 8.07
C GLY A 217 -2.76 16.84 7.55
N SER A 218 -2.65 15.88 8.48
CA SER A 218 -2.59 14.47 8.11
C SER A 218 -3.83 14.02 7.35
N GLN A 219 -4.98 14.64 7.63
CA GLN A 219 -6.26 14.18 7.11
C GLN A 219 -6.60 14.80 5.75
N LYS A 220 -5.82 15.78 5.30
CA LYS A 220 -6.15 16.48 4.06
C LYS A 220 -6.21 15.55 2.85
N ASP A 221 -5.38 14.51 2.84
CA ASP A 221 -5.30 13.61 1.69
C ASP A 221 -6.27 12.44 1.77
N ASN A 222 -7.13 12.39 2.78
CA ASN A 222 -7.98 11.21 2.98
C ASN A 222 -9.17 11.17 2.03
N TRP A 223 -9.65 12.32 1.55
CA TRP A 223 -10.98 12.39 0.95
C TRP A 223 -10.98 13.30 -0.27
N GLY A 224 -11.99 13.10 -1.13
CA GLY A 224 -12.28 14.06 -2.18
C GLY A 224 -11.15 14.20 -3.19
N HIS A 225 -11.00 15.41 -3.73
CA HIS A 225 -10.06 15.57 -4.82
C HIS A 225 -8.61 15.47 -4.36
N PHE A 226 -8.34 15.74 -3.08
CA PHE A 226 -6.98 15.52 -2.55
C PHE A 226 -6.66 14.04 -2.42
N ARG A 227 -7.66 13.20 -2.15
CA ARG A 227 -7.44 11.75 -2.14
C ARG A 227 -7.05 11.27 -3.54
N LEU A 228 -7.78 11.73 -4.55
CA LEU A 228 -7.41 11.39 -5.93
C LEU A 228 -6.01 11.86 -6.25
N LYS A 229 -5.70 13.13 -5.94
CA LYS A 229 -4.37 13.67 -6.20
C LYS A 229 -3.28 12.82 -5.56
N LYS A 230 -3.49 12.41 -4.30
CA LYS A 230 -2.49 11.62 -3.59
C LYS A 230 -2.26 10.27 -4.27
N LEU A 231 -3.35 9.60 -4.68
CA LEU A 231 -3.20 8.30 -5.34
C LEU A 231 -2.50 8.44 -6.68
N LEU A 232 -2.79 9.50 -7.43
CA LEU A 232 -2.15 9.72 -8.72
C LEU A 232 -0.67 10.07 -8.56
N LYS A 233 -0.32 10.83 -7.52
CA LYS A 233 1.07 11.11 -7.22
C LYS A 233 1.82 9.82 -6.88
N ASP A 234 1.21 8.94 -6.09
CA ASP A 234 1.91 7.79 -5.53
C ASP A 234 1.91 6.56 -6.42
N HIS A 235 0.92 6.43 -7.32
CA HIS A 235 0.70 5.17 -8.01
C HIS A 235 0.50 5.31 -9.51
N ALA A 236 0.70 6.50 -10.05
CA ALA A 236 0.76 6.71 -11.50
C ALA A 236 2.10 7.39 -11.80
N SER A 237 2.51 7.30 -13.06
CA SER A 237 3.74 7.95 -13.50
C SER A 237 3.42 8.95 -14.60
N SER A 238 4.19 10.03 -14.62
CA SER A 238 4.03 11.02 -15.67
C SER A 238 4.76 10.53 -16.91
N MET A 239 4.19 10.82 -18.07
CA MET A 239 4.78 10.45 -19.33
C MET A 239 5.23 11.70 -20.07
N PRO A 240 6.07 11.57 -21.09
CA PRO A 240 6.38 12.73 -21.92
C PRO A 240 5.10 13.24 -22.56
N ASN A 241 5.03 14.56 -22.74
CA ASN A 241 3.88 15.19 -23.37
C ASN A 241 2.60 14.99 -22.54
N ALA A 242 2.75 14.83 -21.22
CA ALA A 242 1.60 14.66 -20.35
C ALA A 242 0.64 15.85 -20.45
N GLU A 243 1.16 17.04 -20.74
CA GLU A 243 0.31 18.22 -20.90
C GLU A 243 -0.68 18.06 -22.05
N SER A 244 -0.45 17.10 -22.94
CA SER A 244 -1.36 16.84 -24.06
C SER A 244 -2.40 15.78 -23.77
N TRP A 245 -2.30 15.08 -22.64
CA TRP A 245 -3.30 14.07 -22.26
C TRP A 245 -4.48 14.79 -21.61
N PRO A 246 -5.66 14.77 -22.23
CA PRO A 246 -6.81 15.49 -21.65
C PRO A 246 -7.28 14.88 -20.34
N VAL A 247 -8.09 15.67 -19.65
CA VAL A 247 -8.93 15.19 -18.55
C VAL A 247 -10.37 15.17 -19.04
N VAL A 248 -11.09 14.08 -18.74
CA VAL A 248 -12.52 13.97 -19.07
C VAL A 248 -13.29 13.80 -17.78
N GLY A 249 -14.31 14.62 -17.58
CA GLY A 249 -15.26 14.44 -16.49
C GLY A 249 -16.67 14.30 -17.06
N GLN A 250 -17.45 13.41 -16.45
CA GLN A 250 -18.76 13.02 -17.00
C GLN A 250 -19.69 12.81 -15.82
N PHE A 251 -20.83 13.51 -15.80
CA PHE A 251 -21.61 13.63 -14.56
C PHE A 251 -23.07 13.92 -14.90
N SER A 252 -23.92 13.80 -13.87
CA SER A 252 -25.35 14.03 -14.02
C SER A 252 -25.86 15.29 -13.33
N SER A 253 -25.01 16.02 -12.61
CA SER A 253 -25.43 17.20 -11.89
C SER A 253 -24.24 18.14 -11.78
N VAL A 254 -24.54 19.44 -11.67
CA VAL A 254 -23.53 20.49 -11.66
C VAL A 254 -23.83 21.42 -10.50
N GLY A 255 -22.84 21.67 -9.64
CA GLY A 255 -22.98 22.62 -8.57
C GLY A 255 -22.57 24.01 -8.99
N SER A 256 -22.66 24.94 -8.05
N SER A 256 -22.71 24.94 -8.05
CA SER A 256 -22.21 26.31 -8.26
CA SER A 256 -22.19 26.29 -8.24
C SER A 256 -20.69 26.35 -8.13
C SER A 256 -20.67 26.24 -8.15
N LEU A 257 -20.00 26.58 -9.25
CA LEU A 257 -18.54 26.50 -9.30
C LEU A 257 -17.85 27.84 -9.16
N GLY A 258 -18.59 28.94 -9.16
CA GLY A 258 -17.99 30.26 -9.04
C GLY A 258 -18.10 31.05 -10.34
N ALA A 259 -17.65 32.30 -10.24
CA ALA A 259 -17.86 33.28 -11.30
C ALA A 259 -16.96 33.08 -12.50
N ASP A 260 -15.89 32.32 -12.35
CA ASP A 260 -15.01 32.00 -13.48
C ASP A 260 -14.26 30.71 -13.18
N GLU A 261 -13.57 30.21 -14.20
CA GLU A 261 -12.93 28.91 -14.09
C GLU A 261 -11.78 28.89 -13.09
N SER A 262 -11.20 30.06 -12.77
CA SER A 262 -10.09 30.08 -11.83
C SER A 262 -10.53 29.95 -10.37
N LYS A 263 -11.83 30.05 -10.08
CA LYS A 263 -12.28 30.00 -8.69
C LYS A 263 -12.14 28.59 -8.11
N TRP A 264 -12.36 27.56 -8.93
CA TRP A 264 -12.31 26.19 -8.43
C TRP A 264 -12.04 25.19 -9.53
N LEU A 265 -12.76 25.30 -10.66
CA LEU A 265 -12.73 24.26 -11.68
C LEU A 265 -11.31 24.02 -12.19
N CYS A 266 -10.63 25.09 -12.60
CA CYS A 266 -9.32 24.93 -13.21
C CYS A 266 -8.18 25.17 -12.23
N SER A 267 -8.47 25.68 -11.04
CA SER A 267 -7.44 25.97 -10.06
C SER A 267 -7.15 24.80 -9.13
N GLU A 268 -8.16 24.23 -8.49
CA GLU A 268 -7.91 23.08 -7.63
C GLU A 268 -8.45 21.76 -8.17
N PHE A 269 -9.65 21.74 -8.75
CA PHE A 269 -10.20 20.49 -9.28
C PHE A 269 -9.35 19.95 -10.42
N LYS A 270 -9.14 20.75 -11.46
CA LYS A 270 -8.33 20.29 -12.60
C LYS A 270 -6.91 19.97 -12.17
N GLU A 271 -6.35 20.78 -11.26
CA GLU A 271 -4.98 20.55 -10.81
C GLU A 271 -4.84 19.19 -10.16
N SER A 272 -5.82 18.79 -9.35
CA SER A 272 -5.79 17.45 -8.79
C SER A 272 -5.91 16.39 -9.90
N MET A 273 -6.82 16.61 -10.85
CA MET A 273 -7.05 15.60 -11.87
C MET A 273 -5.89 15.45 -12.86
N LEU A 274 -5.06 16.49 -13.01
N LEU A 274 -5.06 16.46 -13.02
CA LEU A 274 -3.90 16.44 -13.89
CA LEU A 274 -3.94 16.34 -13.94
C LEU A 274 -2.74 15.65 -13.31
C LEU A 274 -2.67 15.82 -13.28
N THR A 275 -2.72 15.50 -11.99
CA THR A 275 -1.55 14.97 -11.30
C THR A 275 -1.16 13.60 -11.85
N LEU A 276 0.14 13.41 -12.07
CA LEU A 276 0.71 12.11 -12.41
C LEU A 276 2.11 12.05 -11.82
N GLY A 277 2.34 11.11 -10.91
CA GLY A 277 3.68 10.92 -10.40
C GLY A 277 4.08 11.94 -9.35
N LYS A 278 5.34 11.83 -8.92
CA LYS A 278 5.76 12.54 -7.71
C LYS A 278 6.55 13.82 -7.96
N GLU A 279 6.64 14.30 -9.19
CA GLU A 279 7.45 15.49 -9.45
C GLU A 279 6.61 16.76 -9.56
N SER A 280 7.27 17.89 -9.37
CA SER A 280 6.71 19.22 -9.55
C SER A 280 5.79 19.34 -10.74
N SER A 286 -1.95 25.67 -16.70
CA SER A 286 -1.81 24.44 -17.49
C SER A 286 -2.63 24.46 -18.77
N SER A 287 -2.10 23.83 -19.81
CA SER A 287 -2.76 23.74 -21.09
C SER A 287 -3.42 22.37 -21.32
N VAL A 288 -3.56 21.57 -20.27
CA VAL A 288 -4.22 20.27 -20.43
C VAL A 288 -5.67 20.50 -20.86
N PRO A 289 -6.15 19.86 -21.93
CA PRO A 289 -7.56 20.02 -22.32
C PRO A 289 -8.49 19.40 -21.29
N LEU A 290 -9.61 20.07 -21.03
CA LEU A 290 -10.64 19.58 -20.11
C LEU A 290 -11.94 19.40 -20.88
N TYR A 291 -12.42 18.16 -20.96
CA TYR A 291 -13.68 17.81 -21.59
C TYR A 291 -14.68 17.47 -20.51
N LEU A 292 -15.80 18.18 -20.46
CA LEU A 292 -16.89 17.86 -19.55
C LEU A 292 -18.08 17.34 -20.35
N ILE A 293 -18.60 16.18 -19.97
CA ILE A 293 -19.69 15.53 -20.70
C ILE A 293 -20.96 15.61 -19.86
N TYR A 294 -21.98 16.27 -20.41
CA TYR A 294 -23.24 16.48 -19.69
C TYR A 294 -24.35 16.59 -20.72
N PRO A 295 -25.49 15.92 -20.52
CA PRO A 295 -26.52 15.88 -21.58
C PRO A 295 -27.04 17.26 -21.97
N SER A 296 -27.15 17.47 -23.27
CA SER A 296 -27.81 18.65 -23.80
C SER A 296 -29.33 18.47 -23.72
N VAL A 297 -30.06 19.55 -23.97
CA VAL A 297 -31.52 19.45 -24.05
C VAL A 297 -31.94 18.44 -25.12
N GLU A 298 -31.26 18.46 -26.27
N GLU A 298 -31.28 18.48 -26.28
CA GLU A 298 -31.60 17.54 -27.34
CA GLU A 298 -31.60 17.53 -27.34
C GLU A 298 -31.31 16.09 -26.95
C GLU A 298 -31.34 16.10 -26.93
N ASN A 299 -30.23 15.85 -26.20
CA ASN A 299 -29.96 14.51 -25.70
C ASN A 299 -31.12 14.01 -24.84
N VAL A 300 -31.66 14.86 -23.97
CA VAL A 300 -32.75 14.45 -23.10
C VAL A 300 -34.03 14.26 -23.88
N ARG A 301 -34.36 15.21 -24.76
CA ARG A 301 -35.62 15.15 -25.51
C ARG A 301 -35.73 13.86 -26.32
N THR A 302 -34.64 13.44 -26.95
CA THR A 302 -34.67 12.28 -27.82
C THR A 302 -34.33 10.98 -27.10
N SER A 303 -34.21 11.00 -25.77
CA SER A 303 -33.81 9.83 -25.02
C SER A 303 -34.97 8.84 -24.90
N LEU A 304 -34.64 7.64 -24.43
CA LEU A 304 -35.67 6.61 -24.22
C LEU A 304 -36.77 7.09 -23.30
N GLU A 305 -36.40 7.78 -22.22
CA GLU A 305 -37.38 8.28 -21.25
C GLU A 305 -38.05 9.56 -21.71
N GLY A 306 -37.40 10.32 -22.58
CA GLY A 306 -37.89 11.63 -22.95
C GLY A 306 -37.51 12.65 -21.88
N TYR A 307 -38.27 13.76 -21.87
CA TYR A 307 -38.01 14.81 -20.89
C TYR A 307 -37.98 14.33 -19.44
N PRO A 308 -38.78 13.35 -19.00
CA PRO A 308 -38.67 12.89 -17.61
C PRO A 308 -37.27 12.41 -17.21
N ALA A 309 -36.42 12.04 -18.17
CA ALA A 309 -35.04 11.74 -17.82
C ALA A 309 -34.37 12.93 -17.14
N GLY A 310 -34.80 14.14 -17.48
CA GLY A 310 -34.23 15.32 -16.90
C GLY A 310 -34.58 15.53 -15.45
N GLY A 311 -35.56 14.79 -14.92
CA GLY A 311 -35.78 14.78 -13.49
C GLY A 311 -34.62 14.22 -12.70
N SER A 312 -33.71 13.48 -13.35
CA SER A 312 -32.53 12.91 -12.71
C SER A 312 -31.25 13.59 -13.19
N LEU A 313 -31.37 14.76 -13.81
CA LEU A 313 -30.24 15.58 -14.23
C LEU A 313 -30.44 16.95 -13.57
N PRO A 314 -30.20 17.03 -12.26
CA PRO A 314 -30.52 18.24 -11.51
C PRO A 314 -29.48 19.33 -11.72
N TYR A 315 -29.79 20.24 -12.63
CA TYR A 315 -28.99 21.44 -12.85
C TYR A 315 -30.01 22.57 -12.91
N SER A 316 -30.00 23.43 -11.90
CA SER A 316 -31.04 24.44 -11.79
C SER A 316 -30.66 25.70 -12.55
N ILE A 317 -31.67 26.43 -13.02
CA ILE A 317 -31.41 27.67 -13.74
C ILE A 317 -30.73 28.69 -12.85
N GLN A 318 -31.06 28.69 -11.55
CA GLN A 318 -30.44 29.63 -10.63
C GLN A 318 -28.94 29.41 -10.56
N THR A 319 -28.50 28.15 -10.60
CA THR A 319 -27.07 27.86 -10.63
C THR A 319 -26.47 28.18 -12.00
N ALA A 320 -27.13 27.73 -13.08
CA ALA A 320 -26.54 27.82 -14.40
C ALA A 320 -26.31 29.27 -14.84
N GLU A 321 -27.25 30.16 -14.51
CA GLU A 321 -27.18 31.54 -14.98
C GLU A 321 -26.01 32.31 -14.38
N LYS A 322 -25.42 31.82 -13.29
CA LYS A 322 -24.27 32.44 -12.67
C LYS A 322 -22.94 31.98 -13.25
N GLN A 323 -22.95 30.99 -14.15
CA GLN A 323 -21.70 30.37 -14.60
C GLN A 323 -21.80 29.95 -16.06
N ASN A 324 -22.26 30.87 -16.92
CA ASN A 324 -22.36 30.55 -18.34
C ASN A 324 -21.00 30.23 -18.93
N TRP A 325 -19.92 30.74 -18.34
CA TRP A 325 -18.57 30.39 -18.79
C TRP A 325 -18.36 28.89 -18.83
N LEU A 326 -19.02 28.15 -17.94
CA LEU A 326 -18.79 26.72 -17.82
C LEU A 326 -19.26 25.96 -19.05
N HIS A 327 -20.31 26.44 -19.71
CA HIS A 327 -20.96 25.65 -20.74
C HIS A 327 -20.11 25.51 -21.99
N SER A 328 -19.09 26.36 -22.16
N SER A 328 -19.08 26.36 -22.15
CA SER A 328 -18.15 26.20 -23.27
CA SER A 328 -18.13 26.21 -23.25
C SER A 328 -17.27 24.97 -23.11
C SER A 328 -17.29 24.96 -23.12
N TYR A 329 -17.27 24.32 -21.94
CA TYR A 329 -16.56 23.07 -21.74
C TYR A 329 -17.42 21.84 -22.02
N PHE A 330 -18.70 22.03 -22.32
CA PHE A 330 -19.65 20.92 -22.32
C PHE A 330 -19.69 20.18 -23.66
N HIS A 331 -19.76 18.86 -23.57
CA HIS A 331 -19.79 17.94 -24.70
C HIS A 331 -21.02 17.05 -24.55
N LYS A 332 -21.58 16.65 -25.68
CA LYS A 332 -22.81 15.86 -25.71
C LYS A 332 -22.58 14.46 -25.14
N TRP A 333 -23.67 13.89 -24.64
CA TRP A 333 -23.68 12.46 -24.32
C TRP A 333 -23.79 11.66 -25.60
N SER A 334 -22.85 10.75 -25.80
CA SER A 334 -22.86 9.85 -26.95
C SER A 334 -22.25 8.53 -26.50
N ALA A 335 -22.95 7.42 -26.78
CA ALA A 335 -22.53 6.12 -26.27
C ALA A 335 -22.85 5.00 -27.26
N GLU A 336 -22.56 5.24 -28.54
CA GLU A 336 -22.72 4.20 -29.54
C GLU A 336 -21.95 2.94 -29.18
N THR A 337 -20.80 3.09 -28.53
CA THR A 337 -19.97 1.94 -28.17
C THR A 337 -20.73 0.94 -27.31
N SER A 338 -21.69 1.42 -26.49
CA SER A 338 -22.46 0.54 -25.62
C SER A 338 -23.95 0.57 -25.97
N GLY A 339 -24.31 1.11 -27.13
CA GLY A 339 -25.71 1.19 -27.54
C GLY A 339 -26.55 2.05 -26.65
N ARG A 340 -25.95 3.03 -25.95
CA ARG A 340 -26.62 3.76 -24.88
C ARG A 340 -26.70 5.26 -25.13
N SER A 341 -26.62 5.70 -26.38
CA SER A 341 -26.71 7.14 -26.64
C SER A 341 -28.05 7.71 -26.18
N ASN A 342 -29.11 6.88 -26.15
CA ASN A 342 -30.43 7.35 -25.75
C ASN A 342 -30.80 6.94 -24.33
N ALA A 343 -29.85 6.39 -23.60
CA ALA A 343 -30.03 6.01 -22.19
C ALA A 343 -29.29 7.05 -21.36
N MET A 344 -30.03 8.00 -20.79
CA MET A 344 -29.39 9.17 -20.21
C MET A 344 -28.46 8.76 -19.07
N PRO A 345 -27.31 9.43 -18.93
CA PRO A 345 -26.33 9.01 -17.93
C PRO A 345 -26.72 9.46 -16.53
N HIS A 346 -26.68 8.52 -15.60
CA HIS A 346 -26.64 8.80 -14.18
C HIS A 346 -25.34 8.27 -13.56
N ILE A 347 -24.55 7.52 -14.33
CA ILE A 347 -23.18 7.22 -13.96
C ILE A 347 -22.38 8.53 -13.89
N LYS A 348 -21.34 8.53 -13.06
CA LYS A 348 -20.32 9.59 -13.07
C LYS A 348 -18.98 8.94 -13.28
N THR A 349 -18.19 9.48 -14.20
CA THR A 349 -16.86 8.94 -14.49
C THR A 349 -15.87 10.07 -14.74
N TYR A 350 -14.60 9.79 -14.45
CA TYR A 350 -13.51 10.72 -14.68
C TYR A 350 -12.34 9.89 -15.19
N MET A 351 -11.59 10.41 -16.16
CA MET A 351 -10.49 9.63 -16.72
C MET A 351 -9.49 10.54 -17.41
N ARG A 352 -8.35 9.94 -17.77
CA ARG A 352 -7.21 10.67 -18.33
C ARG A 352 -6.77 9.99 -19.62
N PRO A 353 -7.42 10.27 -20.74
CA PRO A 353 -7.04 9.64 -22.01
C PRO A 353 -5.78 10.26 -22.61
N SER A 354 -5.17 9.49 -23.51
CA SER A 354 -4.06 9.96 -24.33
C SER A 354 -4.56 10.96 -25.37
N PRO A 355 -3.65 11.69 -26.03
CA PRO A 355 -4.10 12.74 -26.97
C PRO A 355 -4.98 12.23 -28.10
N ASP A 356 -4.81 10.99 -28.54
CA ASP A 356 -5.66 10.39 -29.56
C ASP A 356 -6.75 9.50 -28.97
N PHE A 357 -6.94 9.52 -27.65
CA PHE A 357 -8.01 8.80 -26.98
C PHE A 357 -7.92 7.28 -27.15
N SER A 358 -6.75 6.76 -27.52
CA SER A 358 -6.60 5.31 -27.70
C SER A 358 -6.20 4.59 -26.43
N LYS A 359 -5.72 5.33 -25.42
CA LYS A 359 -5.27 4.77 -24.15
C LYS A 359 -5.79 5.68 -23.05
N ILE A 360 -5.84 5.15 -21.82
CA ILE A 360 -6.13 5.97 -20.65
C ILE A 360 -5.10 5.69 -19.56
N ALA A 361 -4.75 6.74 -18.82
CA ALA A 361 -3.84 6.61 -17.68
C ALA A 361 -4.54 6.16 -16.40
N TRP A 362 -5.86 6.29 -16.32
CA TRP A 362 -6.65 5.86 -15.17
C TRP A 362 -8.13 6.10 -15.49
N PHE A 363 -9.00 5.46 -14.71
CA PHE A 363 -10.45 5.59 -14.85
C PHE A 363 -11.08 5.53 -13.47
N LEU A 364 -12.03 6.42 -13.19
CA LEU A 364 -12.75 6.46 -11.92
C LEU A 364 -14.24 6.40 -12.20
N VAL A 365 -14.94 5.48 -11.54
CA VAL A 365 -16.41 5.51 -11.49
C VAL A 365 -16.82 5.87 -10.07
N THR A 366 -17.79 6.77 -9.94
CA THR A 366 -18.07 7.34 -8.62
C THR A 366 -19.49 7.87 -8.58
N SER A 367 -19.94 8.20 -7.37
CA SER A 367 -21.17 8.96 -7.20
C SER A 367 -20.96 10.45 -7.33
N ALA A 368 -19.71 10.93 -7.34
CA ALA A 368 -19.43 12.36 -7.23
C ALA A 368 -19.71 13.10 -8.54
N ASN A 369 -20.61 14.09 -8.46
CA ASN A 369 -20.91 14.98 -9.58
C ASN A 369 -19.90 16.12 -9.62
N LEU A 370 -20.09 17.05 -10.56
CA LEU A 370 -19.18 18.20 -10.72
C LEU A 370 -19.59 19.29 -9.74
N SER A 371 -19.17 19.12 -8.48
CA SER A 371 -19.55 20.06 -7.43
C SER A 371 -18.49 20.11 -6.33
N LYS A 372 -18.37 21.31 -5.74
CA LYS A 372 -17.52 21.49 -4.57
C LYS A 372 -18.02 20.68 -3.38
N ALA A 373 -19.33 20.50 -3.26
CA ALA A 373 -19.88 19.72 -2.14
C ALA A 373 -19.36 18.29 -2.17
N ALA A 374 -19.21 17.72 -3.37
CA ALA A 374 -18.82 16.33 -3.55
C ALA A 374 -17.31 16.13 -3.49
N TRP A 375 -16.56 17.04 -4.08
CA TRP A 375 -15.13 16.87 -4.25
C TRP A 375 -14.30 17.61 -3.22
N GLY A 376 -14.86 18.61 -2.57
CA GLY A 376 -14.14 19.41 -1.61
C GLY A 376 -13.70 20.74 -2.20
N ALA A 377 -13.64 21.76 -1.33
CA ALA A 377 -13.13 23.07 -1.68
C ALA A 377 -12.15 23.52 -0.60
N LEU A 378 -11.03 24.07 -1.04
CA LEU A 378 -10.02 24.53 -0.09
C LEU A 378 -10.50 25.77 0.66
N GLU A 379 -10.14 25.84 1.94
CA GLU A 379 -10.47 26.94 2.81
C GLU A 379 -9.26 27.25 3.67
N LYS A 380 -9.32 28.36 4.40
CA LYS A 380 -8.30 28.74 5.37
C LYS A 380 -6.92 28.85 4.72
N ASN A 381 -6.86 29.68 3.68
CA ASN A 381 -5.60 29.94 2.98
C ASN A 381 -5.00 28.66 2.41
N GLY A 382 -5.86 27.78 1.89
CA GLY A 382 -5.40 26.56 1.27
C GLY A 382 -4.99 25.45 2.22
N THR A 383 -5.24 25.59 3.52
CA THR A 383 -4.79 24.61 4.49
C THR A 383 -5.84 23.58 4.88
N GLN A 384 -7.10 23.78 4.52
CA GLN A 384 -8.10 22.78 4.90
C GLN A 384 -9.04 22.51 3.73
N LEU A 385 -9.40 21.25 3.55
CA LEU A 385 -10.32 20.84 2.51
C LEU A 385 -11.67 20.61 3.17
N MET A 386 -12.68 21.37 2.73
CA MET A 386 -14.02 21.25 3.28
C MET A 386 -14.91 20.50 2.31
N ILE A 387 -15.54 19.43 2.80
CA ILE A 387 -16.42 18.57 2.01
C ILE A 387 -17.78 18.56 2.70
N ARG A 388 -18.86 18.67 1.93
CA ARG A 388 -20.20 18.69 2.51
C ARG A 388 -20.89 17.34 2.49
N SER A 389 -20.53 16.45 1.58
CA SER A 389 -21.33 15.28 1.26
C SER A 389 -20.56 13.97 1.46
N TYR A 390 -21.32 12.87 1.47
CA TYR A 390 -20.76 11.52 1.34
C TYR A 390 -20.80 11.12 -0.13
N GLU A 391 -19.66 10.64 -0.64
CA GLU A 391 -19.53 10.13 -1.99
C GLU A 391 -18.60 8.94 -1.96
N LEU A 392 -18.68 8.08 -2.98
CA LEU A 392 -17.81 6.92 -3.03
C LEU A 392 -17.62 6.45 -4.46
N GLY A 393 -16.37 6.11 -4.80
CA GLY A 393 -16.04 5.59 -6.11
C GLY A 393 -14.84 4.70 -6.03
N VAL A 394 -14.51 4.06 -7.15
CA VAL A 394 -13.33 3.21 -7.25
C VAL A 394 -12.48 3.64 -8.43
N LEU A 395 -11.17 3.67 -8.20
CA LEU A 395 -10.19 4.12 -9.16
C LEU A 395 -9.42 2.93 -9.73
N PHE A 396 -9.38 2.85 -11.06
CA PHE A 396 -8.62 1.84 -11.80
C PHE A 396 -7.31 2.49 -12.25
N LEU A 397 -6.19 2.01 -11.71
CA LEU A 397 -4.86 2.47 -12.08
C LEU A 397 -4.12 1.35 -12.78
N PRO A 398 -3.49 1.63 -13.94
CA PRO A 398 -2.72 0.58 -14.64
C PRO A 398 -1.70 -0.13 -13.76
N SER A 399 -1.02 0.59 -12.86
CA SER A 399 -0.02 -0.05 -12.01
C SER A 399 -0.63 -1.15 -11.15
N ALA A 400 -1.91 -1.03 -10.80
CA ALA A 400 -2.54 -2.06 -9.98
C ALA A 400 -2.83 -3.32 -10.76
N PHE A 401 -2.64 -3.29 -12.09
CA PHE A 401 -2.83 -4.44 -12.95
C PHE A 401 -1.54 -4.82 -13.67
N GLY A 402 -0.39 -4.28 -13.24
CA GLY A 402 0.87 -4.59 -13.88
C GLY A 402 1.04 -3.95 -15.24
N LEU A 403 0.41 -2.81 -15.48
CA LEU A 403 0.39 -2.15 -16.79
C LEU A 403 0.87 -0.71 -16.66
N ASP A 404 1.28 -0.15 -17.80
CA ASP A 404 1.64 1.27 -17.85
C ASP A 404 0.47 2.15 -18.22
N SER A 405 -0.46 1.63 -19.01
CA SER A 405 -1.68 2.33 -19.38
C SER A 405 -2.70 1.27 -19.74
N PHE A 406 -3.96 1.69 -19.88
CA PHE A 406 -5.01 0.82 -20.37
C PHE A 406 -5.32 1.18 -21.82
N LYS A 407 -5.41 0.17 -22.68
N LYS A 407 -5.46 0.17 -22.67
CA LYS A 407 -6.02 0.40 -23.98
CA LYS A 407 -6.00 0.40 -24.00
C LYS A 407 -7.51 0.65 -23.78
C LYS A 407 -7.52 0.53 -23.89
N VAL A 408 -8.09 1.45 -24.65
CA VAL A 408 -9.53 1.67 -24.62
C VAL A 408 -10.21 0.58 -25.45
N LYS A 409 -11.17 -0.11 -24.85
CA LYS A 409 -11.94 -1.11 -25.58
C LYS A 409 -12.78 -0.43 -26.66
N GLN A 410 -12.66 -0.91 -27.89
CA GLN A 410 -13.33 -0.25 -29.01
C GLN A 410 -14.84 -0.41 -28.93
N LYS A 411 -15.31 -1.61 -28.62
CA LYS A 411 -16.73 -1.88 -28.45
C LYS A 411 -16.95 -2.38 -27.03
N PHE A 412 -17.83 -1.71 -26.29
CA PHE A 412 -17.96 -1.96 -24.86
C PHE A 412 -18.27 -3.43 -24.57
N PHE A 413 -19.14 -4.04 -25.37
CA PHE A 413 -19.56 -5.42 -25.13
C PHE A 413 -18.87 -6.43 -26.04
N ALA A 414 -17.92 -6.01 -26.87
CA ALA A 414 -17.24 -6.95 -27.75
C ALA A 414 -15.96 -7.50 -27.12
N PRO A 419 -7.47 -8.75 -26.40
CA PRO A 419 -7.08 -9.12 -25.03
C PRO A 419 -7.98 -8.47 -23.98
N MET A 420 -8.03 -9.05 -22.79
CA MET A 420 -8.89 -8.55 -21.73
C MET A 420 -8.31 -7.36 -21.00
N ALA A 421 -7.06 -6.99 -21.27
CA ALA A 421 -6.42 -5.82 -20.65
C ALA A 421 -6.89 -4.49 -21.23
N THR A 422 -7.97 -4.49 -22.00
CA THR A 422 -8.50 -3.25 -22.53
C THR A 422 -9.64 -2.77 -21.66
N PHE A 423 -9.65 -1.46 -21.37
CA PHE A 423 -10.64 -1.02 -20.40
C PHE A 423 -11.95 -0.63 -21.07
N PRO A 424 -13.09 -1.09 -20.51
CA PRO A 424 -14.41 -0.83 -21.13
C PRO A 424 -14.95 0.56 -20.83
N VAL A 425 -14.50 1.55 -21.59
CA VAL A 425 -15.06 2.90 -21.47
C VAL A 425 -16.47 2.88 -22.05
N PRO A 426 -17.48 3.33 -21.30
CA PRO A 426 -18.87 3.09 -21.72
C PRO A 426 -19.47 4.13 -22.65
N TYR A 427 -18.75 5.19 -22.99
CA TYR A 427 -19.25 6.19 -23.93
C TYR A 427 -18.18 6.50 -24.97
N ASP A 428 -18.57 7.27 -25.98
CA ASP A 428 -17.74 7.42 -27.17
C ASP A 428 -16.62 8.44 -26.98
N LEU A 429 -15.48 8.15 -27.61
CA LEU A 429 -14.36 9.07 -27.66
C LEU A 429 -13.98 9.31 -29.11
N PRO A 430 -13.54 10.52 -29.46
CA PRO A 430 -13.46 11.69 -28.57
C PRO A 430 -14.86 12.25 -28.28
N PRO A 431 -15.03 12.93 -27.16
CA PRO A 431 -16.31 13.58 -26.89
C PRO A 431 -16.58 14.68 -27.89
N GLU A 432 -17.86 14.89 -28.19
CA GLU A 432 -18.29 15.87 -29.19
C GLU A 432 -18.81 17.14 -28.52
N LEU A 433 -18.22 18.28 -28.89
CA LEU A 433 -18.64 19.56 -28.32
C LEU A 433 -20.09 19.86 -28.66
N TYR A 434 -20.78 20.51 -27.72
CA TYR A 434 -22.11 21.05 -28.05
C TYR A 434 -22.03 21.87 -29.33
N GLY A 435 -23.07 21.75 -30.15
CA GLY A 435 -23.24 22.67 -31.27
C GLY A 435 -23.70 24.03 -30.79
N SER A 436 -23.67 25.00 -31.70
CA SER A 436 -24.02 26.37 -31.32
C SER A 436 -25.48 26.50 -30.88
N LYS A 437 -26.36 25.60 -31.34
CA LYS A 437 -27.75 25.62 -30.93
C LYS A 437 -28.03 24.74 -29.72
N ASP A 438 -27.05 23.99 -29.24
CA ASP A 438 -27.28 23.14 -28.09
C ASP A 438 -27.21 23.94 -26.80
N ARG A 439 -27.90 23.45 -25.78
CA ARG A 439 -27.90 24.04 -24.45
C ARG A 439 -27.82 22.92 -23.43
N PRO A 440 -27.21 23.17 -22.28
CA PRO A 440 -27.18 22.13 -21.24
C PRO A 440 -28.59 21.87 -20.72
N TRP A 441 -28.86 20.63 -20.37
CA TRP A 441 -30.14 20.33 -19.73
C TRP A 441 -30.25 21.09 -18.40
N ILE A 442 -31.29 21.90 -18.28
CA ILE A 442 -31.58 22.63 -17.05
C ILE A 442 -32.98 22.20 -16.62
N TRP A 443 -33.09 21.66 -15.41
CA TRP A 443 -34.25 20.84 -15.09
C TRP A 443 -35.50 21.64 -14.73
N ASN A 444 -35.37 22.91 -14.33
CA ASN A 444 -36.50 23.67 -13.81
C ASN A 444 -36.91 24.84 -14.70
N ILE A 445 -36.74 24.70 -16.01
CA ILE A 445 -37.31 25.62 -16.99
C ILE A 445 -38.07 24.80 -18.03
N PRO A 446 -39.05 25.39 -18.71
CA PRO A 446 -39.87 24.61 -19.64
C PRO A 446 -39.21 24.44 -21.00
N TYR A 447 -39.55 23.32 -21.64
CA TYR A 447 -39.18 23.02 -23.03
C TYR A 447 -40.46 22.64 -23.76
N VAL A 448 -40.96 23.55 -24.58
CA VAL A 448 -42.29 23.40 -25.18
C VAL A 448 -42.20 23.62 -26.68
N LYS A 449 -41.00 23.49 -27.24
CA LYS A 449 -40.76 23.78 -28.64
C LYS A 449 -40.77 22.54 -29.52
N ALA A 450 -40.29 21.40 -29.00
CA ALA A 450 -40.32 20.14 -29.74
C ALA A 450 -40.63 19.03 -28.74
N PRO A 451 -41.50 18.09 -29.10
CA PRO A 451 -41.91 17.06 -28.15
C PRO A 451 -40.86 15.96 -28.04
N ASP A 452 -40.97 15.20 -26.94
CA ASP A 452 -40.04 14.12 -26.64
C ASP A 452 -40.50 12.82 -27.30
N THR A 453 -39.79 11.73 -27.01
CA THR A 453 -40.08 10.43 -27.61
C THR A 453 -41.43 9.86 -27.18
N HIS A 454 -42.07 10.45 -26.18
CA HIS A 454 -43.41 10.04 -25.76
C HIS A 454 -44.48 11.04 -26.18
N GLY A 455 -44.11 12.07 -26.95
CA GLY A 455 -45.08 13.04 -27.42
C GLY A 455 -45.34 14.20 -26.51
N ASN A 456 -44.51 14.40 -25.48
CA ASN A 456 -44.81 15.37 -24.43
C ASN A 456 -43.80 16.50 -24.42
N MET A 457 -44.23 17.63 -23.85
CA MET A 457 -43.35 18.74 -23.53
C MET A 457 -42.91 18.63 -22.06
N TRP A 458 -42.11 19.58 -21.62
CA TRP A 458 -41.60 19.62 -20.25
C TRP A 458 -42.02 20.95 -19.64
N VAL A 459 -42.90 20.89 -18.65
CA VAL A 459 -43.42 22.08 -17.99
C VAL A 459 -43.31 21.89 -16.48
N PRO A 460 -42.19 22.28 -15.85
CA PRO A 460 -41.96 22.15 -14.41
C PRO A 460 -43.01 22.85 -13.56
N ASN B 15 4.79 -20.98 12.09
CA ASN B 15 4.93 -19.56 12.39
C ASN B 15 4.60 -18.71 11.16
N PRO B 16 4.12 -17.50 11.39
CA PRO B 16 3.88 -16.60 10.25
C PRO B 16 5.11 -15.79 9.90
N PHE B 17 6.05 -15.66 10.83
CA PHE B 17 7.05 -14.62 10.68
C PHE B 17 8.21 -15.01 9.79
N GLN B 18 8.54 -16.31 9.73
CA GLN B 18 9.65 -16.78 8.90
C GLN B 18 10.95 -16.06 9.23
N PHE B 19 11.17 -15.84 10.53
CA PHE B 19 12.40 -15.25 11.04
C PHE B 19 13.18 -16.36 11.72
N TYR B 20 14.42 -16.56 11.29
CA TYR B 20 15.23 -17.67 11.76
C TYR B 20 16.59 -17.16 12.25
N LEU B 21 17.20 -17.95 13.12
CA LEU B 21 18.61 -17.78 13.45
C LEU B 21 19.44 -18.81 12.69
N THR B 22 20.73 -18.48 12.50
CA THR B 22 21.64 -19.46 11.92
C THR B 22 22.00 -20.51 12.96
N ARG B 23 22.41 -21.68 12.47
CA ARG B 23 22.86 -22.75 13.33
C ARG B 23 24.16 -22.35 14.05
N VAL B 24 24.29 -22.75 15.31
CA VAL B 24 25.48 -22.44 16.11
C VAL B 24 26.13 -23.76 16.52
N SER B 25 27.40 -23.93 16.14
CA SER B 25 28.14 -25.11 16.52
C SER B 25 28.53 -25.02 18.00
N GLY B 26 28.31 -26.10 18.73
CA GLY B 26 28.73 -26.16 20.11
C GLY B 26 27.69 -25.81 21.14
N VAL B 27 26.42 -25.68 20.74
CA VAL B 27 25.32 -25.59 21.68
C VAL B 27 24.49 -26.86 21.57
N LYS B 28 23.66 -27.09 22.59
CA LYS B 28 22.83 -28.28 22.62
C LYS B 28 21.88 -28.27 21.41
N PRO B 29 21.52 -29.47 20.91
CA PRO B 29 20.69 -29.53 19.70
C PRO B 29 19.37 -28.80 19.81
N LYS B 30 18.77 -28.72 21.01
CA LYS B 30 17.50 -28.03 21.15
C LYS B 30 17.60 -26.56 20.75
N TYR B 31 18.79 -25.96 20.85
CA TYR B 31 18.99 -24.58 20.44
C TYR B 31 19.25 -24.42 18.95
N ASN B 32 19.29 -25.52 18.19
CA ASN B 32 19.42 -25.45 16.75
C ASN B 32 18.21 -26.01 16.02
N SER B 33 17.23 -26.56 16.73
CA SER B 33 16.02 -27.04 16.09
C SER B 33 15.19 -25.84 15.66
N GLY B 34 15.03 -25.67 14.36
CA GLY B 34 14.42 -24.48 13.82
C GLY B 34 15.40 -23.40 13.40
N ALA B 35 16.69 -23.61 13.62
CA ALA B 35 17.74 -22.75 13.05
C ALA B 35 18.09 -23.26 11.67
N LEU B 36 18.69 -22.37 10.86
CA LEU B 36 19.00 -22.67 9.46
C LEU B 36 20.48 -22.47 9.19
N HIS B 37 21.11 -23.47 8.59
CA HIS B 37 22.43 -23.31 8.00
C HIS B 37 22.28 -22.91 6.54
N ILE B 38 23.33 -22.32 5.97
CA ILE B 38 23.28 -21.94 4.57
C ILE B 38 22.97 -23.13 3.68
N LYS B 39 23.48 -24.31 4.03
CA LYS B 39 23.19 -25.51 3.24
C LYS B 39 21.70 -25.85 3.28
N ASP B 40 21.01 -25.52 4.36
CA ASP B 40 19.57 -25.74 4.41
C ASP B 40 18.86 -24.80 3.46
N ILE B 41 19.28 -23.53 3.42
CA ILE B 41 18.63 -22.54 2.57
C ILE B 41 18.72 -22.94 1.10
N LEU B 42 19.88 -23.47 0.70
CA LEU B 42 20.14 -23.78 -0.71
C LEU B 42 19.73 -25.19 -1.09
N SER B 43 19.17 -25.96 -0.17
N SER B 43 19.18 -25.97 -0.17
CA SER B 43 18.86 -27.37 -0.42
CA SER B 43 18.88 -27.38 -0.42
C SER B 43 17.78 -27.49 -1.51
C SER B 43 17.80 -27.50 -1.50
N PRO B 44 17.75 -28.63 -2.22
N PRO B 44 17.77 -28.63 -2.22
CA PRO B 44 16.68 -28.84 -3.21
CA PRO B 44 16.69 -28.85 -3.21
C PRO B 44 15.31 -28.91 -2.59
C PRO B 44 15.31 -28.90 -2.59
N LEU B 45 15.22 -29.11 -1.27
CA LEU B 45 13.93 -29.09 -0.59
C LEU B 45 13.27 -27.71 -0.71
N PHE B 46 14.06 -26.66 -0.90
CA PHE B 46 13.56 -25.30 -1.01
C PHE B 46 13.16 -24.93 -2.44
N GLY B 47 13.49 -25.76 -3.43
CA GLY B 47 13.18 -25.51 -4.82
C GLY B 47 14.30 -25.99 -5.73
N THR B 48 13.99 -26.11 -7.01
CA THR B 48 14.94 -26.62 -8.02
C THR B 48 15.64 -25.44 -8.67
N LEU B 49 16.89 -25.20 -8.28
CA LEU B 49 17.55 -23.93 -8.55
C LEU B 49 17.95 -23.79 -10.02
N VAL B 50 17.64 -22.62 -10.57
N VAL B 50 17.72 -22.61 -10.59
CA VAL B 50 18.01 -22.23 -11.92
CA VAL B 50 18.22 -22.33 -11.93
C VAL B 50 19.19 -21.26 -11.92
C VAL B 50 19.18 -21.15 -12.00
N SER B 51 19.11 -20.23 -11.08
N SER B 51 19.15 -20.23 -11.04
CA SER B 51 20.18 -19.25 -10.94
CA SER B 51 20.07 -19.11 -11.00
C SER B 51 20.02 -18.56 -9.60
C SER B 51 19.95 -18.45 -9.64
N SER B 52 21.04 -17.79 -9.22
CA SER B 52 21.01 -17.11 -7.93
C SER B 52 21.86 -15.84 -7.98
N ALA B 53 21.52 -14.91 -7.09
CA ALA B 53 22.31 -13.71 -6.85
C ALA B 53 22.64 -13.65 -5.37
N GLN B 54 23.90 -13.40 -5.05
CA GLN B 54 24.37 -13.28 -3.67
C GLN B 54 24.88 -11.86 -3.46
N PHE B 55 24.09 -11.05 -2.77
CA PHE B 55 24.50 -9.71 -2.35
C PHE B 55 25.20 -9.87 -1.02
N ASN B 56 26.39 -9.31 -0.88
CA ASN B 56 27.07 -9.39 0.41
C ASN B 56 28.21 -8.39 0.48
N TYR B 57 28.91 -8.43 1.61
CA TYR B 57 30.13 -7.67 1.82
C TYR B 57 31.36 -8.53 1.56
N CYS B 58 31.50 -9.65 2.27
N CYS B 58 31.51 -9.62 2.31
CA CYS B 58 32.69 -10.50 2.18
CA CYS B 58 32.64 -10.55 2.21
C CYS B 58 32.30 -11.90 1.69
C CYS B 58 32.20 -11.84 1.53
N PHE B 59 33.12 -12.46 0.81
CA PHE B 59 32.86 -13.75 0.17
C PHE B 59 34.10 -14.63 0.28
N ASP B 60 33.89 -15.90 0.61
CA ASP B 60 34.87 -16.97 0.38
C ASP B 60 34.24 -17.80 -0.73
N VAL B 61 34.70 -17.60 -1.96
CA VAL B 61 34.01 -18.19 -3.10
C VAL B 61 34.10 -19.71 -3.08
N ASP B 62 35.27 -20.26 -2.76
CA ASP B 62 35.41 -21.71 -2.70
C ASP B 62 34.45 -22.30 -1.68
N TRP B 63 34.36 -21.67 -0.49
CA TRP B 63 33.43 -22.12 0.53
C TRP B 63 31.99 -21.97 0.06
N LEU B 64 31.69 -20.83 -0.57
CA LEU B 64 30.31 -20.56 -1.00
C LEU B 64 29.81 -21.61 -1.98
N VAL B 65 30.63 -21.96 -2.97
CA VAL B 65 30.17 -22.92 -3.97
C VAL B 65 29.87 -24.27 -3.33
N LYS B 66 30.67 -24.65 -2.31
CA LYS B 66 30.43 -25.93 -1.64
C LYS B 66 29.20 -25.91 -0.74
N GLN B 67 28.62 -24.73 -0.49
CA GLN B 67 27.38 -24.68 0.26
C GLN B 67 26.16 -24.96 -0.62
N TYR B 68 26.31 -24.81 -1.94
CA TYR B 68 25.25 -25.23 -2.84
C TYR B 68 25.27 -26.74 -2.99
N PRO B 69 24.11 -27.36 -3.15
CA PRO B 69 24.08 -28.80 -3.44
C PRO B 69 24.88 -29.10 -4.70
N PRO B 70 25.50 -30.28 -4.78
CA PRO B 70 26.32 -30.58 -5.96
C PRO B 70 25.57 -30.43 -7.28
N GLU B 71 24.29 -30.81 -7.30
CA GLU B 71 23.48 -30.69 -8.52
C GLU B 71 23.32 -29.25 -8.97
N PHE B 72 23.48 -28.28 -8.07
CA PHE B 72 23.24 -26.87 -8.38
C PHE B 72 24.51 -26.07 -8.53
N ARG B 73 25.69 -26.68 -8.36
CA ARG B 73 26.92 -25.89 -8.25
C ARG B 73 27.34 -25.24 -9.55
N LYS B 74 26.81 -25.66 -10.69
CA LYS B 74 27.15 -25.08 -11.97
C LYS B 74 26.12 -24.06 -12.46
N LYS B 75 25.05 -23.83 -11.70
CA LYS B 75 24.08 -22.82 -12.09
C LYS B 75 24.68 -21.43 -11.95
N PRO B 76 24.22 -20.47 -12.75
CA PRO B 76 24.80 -19.13 -12.68
C PRO B 76 24.63 -18.52 -11.30
N ILE B 77 25.71 -17.90 -10.81
CA ILE B 77 25.72 -17.15 -9.57
C ILE B 77 26.22 -15.75 -9.89
N LEU B 78 25.50 -14.74 -9.41
CA LEU B 78 25.94 -13.36 -9.48
C LEU B 78 26.35 -12.91 -8.08
N LEU B 79 27.58 -12.44 -7.94
CA LEU B 79 28.07 -11.88 -6.68
C LEU B 79 27.97 -10.36 -6.77
N VAL B 80 27.18 -9.77 -5.88
CA VAL B 80 27.03 -8.32 -5.81
C VAL B 80 27.83 -7.81 -4.61
N HIS B 81 28.85 -7.00 -4.89
CA HIS B 81 29.81 -6.57 -3.88
C HIS B 81 30.14 -5.10 -4.09
N GLY B 82 30.96 -4.55 -3.20
CA GLY B 82 31.36 -3.15 -3.34
C GLY B 82 32.87 -2.93 -3.39
N ASP B 83 33.63 -3.99 -3.62
CA ASP B 83 35.09 -3.90 -3.57
C ASP B 83 35.64 -3.11 -4.76
N LYS B 84 36.77 -2.44 -4.52
CA LYS B 84 37.46 -1.65 -5.52
C LYS B 84 38.93 -2.02 -5.55
N ARG B 85 39.60 -1.62 -6.63
CA ARG B 85 41.07 -1.61 -6.74
C ARG B 85 41.60 -3.03 -6.47
N GLU B 86 42.58 -3.19 -5.59
CA GLU B 86 43.16 -4.51 -5.35
C GLU B 86 42.17 -5.46 -4.68
N ALA B 87 41.29 -4.93 -3.82
CA ALA B 87 40.25 -5.78 -3.23
C ALA B 87 39.34 -6.36 -4.30
N LYS B 88 38.98 -5.55 -5.30
CA LYS B 88 38.14 -6.05 -6.40
C LYS B 88 38.87 -7.11 -7.22
N ALA B 89 40.18 -6.92 -7.45
CA ALA B 89 40.92 -7.91 -8.21
C ALA B 89 41.00 -9.24 -7.48
N HIS B 90 41.13 -9.21 -6.15
CA HIS B 90 41.21 -10.45 -5.39
C HIS B 90 39.90 -11.23 -5.46
N LEU B 91 38.76 -10.53 -5.44
CA LEU B 91 37.48 -11.23 -5.53
C LEU B 91 37.31 -11.86 -6.91
N HIS B 92 37.69 -11.14 -7.97
CA HIS B 92 37.66 -11.73 -9.31
C HIS B 92 38.56 -12.95 -9.39
N ALA B 93 39.74 -12.90 -8.76
CA ALA B 93 40.62 -14.06 -8.78
C ALA B 93 39.98 -15.24 -8.05
N GLN B 94 39.27 -14.97 -6.95
CA GLN B 94 38.54 -16.03 -6.25
C GLN B 94 37.53 -16.69 -7.17
N ALA B 95 36.82 -15.89 -7.97
CA ALA B 95 35.73 -16.39 -8.78
C ALA B 95 36.20 -16.98 -10.11
N LYS B 96 37.44 -16.71 -10.50
CA LYS B 96 37.94 -17.14 -11.82
C LYS B 96 37.83 -18.63 -12.08
N PRO B 97 38.11 -19.54 -11.14
CA PRO B 97 37.94 -20.98 -11.42
C PRO B 97 36.53 -21.39 -11.78
N TYR B 98 35.50 -20.58 -11.46
CA TYR B 98 34.10 -20.95 -11.65
C TYR B 98 33.50 -20.11 -12.77
N GLU B 99 33.41 -20.70 -13.97
CA GLU B 99 32.92 -19.99 -15.15
C GLU B 99 31.45 -19.62 -15.07
N ASN B 100 30.70 -20.19 -14.13
CA ASN B 100 29.30 -19.84 -13.93
C ASN B 100 29.10 -18.65 -13.01
N ILE B 101 30.17 -18.09 -12.46
CA ILE B 101 30.08 -17.00 -11.50
C ILE B 101 30.36 -15.68 -12.20
N SER B 102 29.40 -14.77 -12.13
N SER B 102 29.40 -14.77 -12.13
CA SER B 102 29.54 -13.40 -12.61
CA SER B 102 29.54 -13.40 -12.60
C SER B 102 29.59 -12.46 -11.41
C SER B 102 29.58 -12.46 -11.41
N LEU B 103 30.10 -11.25 -11.64
CA LEU B 103 30.28 -10.28 -10.57
C LEU B 103 29.66 -8.93 -10.95
N CYS B 104 29.10 -8.25 -9.95
CA CYS B 104 28.55 -6.91 -10.12
C CYS B 104 29.13 -6.01 -9.03
N GLN B 105 29.89 -5.00 -9.42
CA GLN B 105 30.49 -4.06 -8.48
C GLN B 105 29.50 -2.92 -8.26
N ALA B 106 28.89 -2.89 -7.08
CA ALA B 106 27.99 -1.80 -6.73
C ALA B 106 28.77 -0.50 -6.59
N LYS B 107 28.27 0.56 -7.22
CA LYS B 107 28.98 1.83 -7.19
C LYS B 107 28.91 2.44 -5.79
N LEU B 108 30.05 2.95 -5.32
CA LEU B 108 30.18 3.59 -4.01
C LEU B 108 30.82 4.95 -4.26
N ASP B 109 30.02 5.90 -4.73
CA ASP B 109 30.53 7.20 -5.15
C ASP B 109 30.69 8.18 -4.00
N ILE B 110 30.18 7.87 -2.82
CA ILE B 110 30.38 8.71 -1.63
C ILE B 110 31.46 8.07 -0.78
N ALA B 111 32.41 8.89 -0.34
CA ALA B 111 33.57 8.38 0.40
C ALA B 111 33.12 7.64 1.66
N PHE B 112 33.87 6.59 1.99
CA PHE B 112 33.66 5.81 3.22
C PHE B 112 32.36 5.03 3.22
N GLY B 113 31.88 4.64 2.04
CA GLY B 113 30.70 3.82 1.91
C GLY B 113 31.05 2.34 1.76
N THR B 114 30.07 1.50 2.10
CA THR B 114 30.25 0.06 2.08
C THR B 114 29.01 -0.58 1.46
N HIS B 115 29.22 -1.70 0.77
CA HIS B 115 28.08 -2.52 0.33
C HIS B 115 27.85 -3.58 1.39
N HIS B 116 26.94 -3.29 2.33
CA HIS B 116 26.69 -4.15 3.48
C HIS B 116 25.51 -5.09 3.28
N THR B 117 24.63 -4.80 2.32
CA THR B 117 23.42 -5.59 2.12
C THR B 117 23.74 -7.06 1.95
N LYS B 118 22.97 -7.90 2.64
CA LYS B 118 23.11 -9.35 2.60
C LYS B 118 21.79 -9.94 2.17
N MET B 119 21.74 -10.46 0.94
CA MET B 119 20.50 -10.91 0.35
C MET B 119 20.81 -11.99 -0.66
N MET B 120 19.95 -13.00 -0.72
CA MET B 120 19.96 -14.00 -1.78
C MET B 120 18.70 -13.85 -2.61
N LEU B 121 18.86 -13.80 -3.92
CA LEU B 121 17.76 -14.00 -4.85
C LEU B 121 17.94 -15.39 -5.45
N LEU B 122 16.92 -16.23 -5.29
CA LEU B 122 17.00 -17.64 -5.66
C LEU B 122 15.89 -17.93 -6.65
N LEU B 123 16.26 -18.18 -7.90
CA LEU B 123 15.28 -18.46 -8.94
C LEU B 123 15.19 -19.96 -9.13
N TYR B 124 13.99 -20.50 -9.04
CA TYR B 124 13.74 -21.93 -9.19
C TYR B 124 12.86 -22.19 -10.42
N GLU B 125 12.80 -23.46 -10.80
CA GLU B 125 11.79 -23.88 -11.77
C GLU B 125 10.39 -23.64 -11.23
N GLU B 126 10.22 -23.67 -9.90
CA GLU B 126 8.92 -23.55 -9.27
C GLU B 126 8.57 -22.12 -8.88
N GLY B 127 9.48 -21.19 -8.98
CA GLY B 127 9.19 -19.82 -8.56
C GLY B 127 10.46 -19.10 -8.14
N LEU B 128 10.29 -18.14 -7.22
CA LEU B 128 11.35 -17.25 -6.79
C LEU B 128 11.32 -17.12 -5.27
N ARG B 129 12.49 -17.08 -4.65
CA ARG B 129 12.59 -16.81 -3.23
C ARG B 129 13.58 -15.68 -2.98
N VAL B 130 13.29 -14.87 -1.97
CA VAL B 130 14.15 -13.80 -1.52
C VAL B 130 14.54 -14.09 -0.09
N VAL B 131 15.83 -14.03 0.20
CA VAL B 131 16.36 -14.23 1.55
C VAL B 131 17.11 -12.97 1.95
N ILE B 132 16.70 -12.35 3.05
CA ILE B 132 17.38 -11.17 3.55
C ILE B 132 17.93 -11.53 4.92
N HIS B 133 19.24 -11.38 5.11
CA HIS B 133 19.88 -11.97 6.26
C HIS B 133 21.05 -11.09 6.70
N THR B 134 21.84 -11.59 7.64
CA THR B 134 22.88 -10.78 8.27
C THR B 134 24.30 -11.34 8.14
N SER B 135 24.50 -12.47 7.48
CA SER B 135 25.79 -13.17 7.49
C SER B 135 26.61 -12.89 6.24
N ASN B 136 27.91 -12.66 6.43
CA ASN B 136 28.83 -12.71 5.31
C ASN B 136 28.93 -14.15 4.79
N LEU B 137 29.44 -14.27 3.56
CA LEU B 137 29.54 -15.59 2.91
C LEU B 137 30.93 -16.20 3.15
N ILE B 138 31.22 -16.39 4.44
CA ILE B 138 32.45 -17.01 4.91
C ILE B 138 32.09 -17.96 6.04
N HIS B 139 32.94 -18.97 6.24
CA HIS B 139 32.62 -20.03 7.20
C HIS B 139 32.35 -19.46 8.60
N ALA B 140 33.19 -18.53 9.05
CA ALA B 140 33.09 -18.03 10.42
C ALA B 140 31.75 -17.37 10.71
N ASP B 141 31.11 -16.79 9.69
CA ASP B 141 29.86 -16.09 9.96
C ASP B 141 28.69 -17.02 10.21
N TRP B 142 28.79 -18.29 9.81
CA TRP B 142 27.73 -19.26 10.01
C TRP B 142 28.10 -20.31 11.05
N HIS B 143 29.20 -20.10 11.79
CA HIS B 143 29.73 -21.12 12.68
C HIS B 143 29.25 -20.93 14.11
N GLN B 144 29.70 -19.87 14.79
CA GLN B 144 29.39 -19.69 16.20
C GLN B 144 28.87 -18.29 16.51
N LYS B 145 28.21 -17.64 15.56
CA LYS B 145 27.64 -16.32 15.76
C LYS B 145 26.12 -16.37 15.81
N THR B 146 25.54 -15.35 16.44
CA THR B 146 24.10 -15.11 16.34
C THR B 146 23.84 -14.27 15.10
N GLN B 147 23.12 -14.84 14.13
CA GLN B 147 22.77 -14.18 12.88
C GLN B 147 21.30 -14.39 12.62
N GLY B 148 20.71 -13.47 11.85
CA GLY B 148 19.28 -13.51 11.56
C GLY B 148 19.01 -13.71 10.08
N ILE B 149 17.88 -14.36 9.79
CA ILE B 149 17.46 -14.70 8.43
C ILE B 149 15.95 -14.44 8.31
N TRP B 150 15.55 -13.75 7.26
CA TRP B 150 14.15 -13.73 6.84
C TRP B 150 14.02 -14.49 5.53
N LEU B 151 13.10 -15.46 5.51
CA LEU B 151 12.81 -16.26 4.31
C LEU B 151 11.48 -15.81 3.74
N SER B 152 11.48 -15.37 2.49
CA SER B 152 10.24 -15.06 1.80
C SER B 152 9.49 -16.36 1.49
N PRO B 153 8.19 -16.26 1.20
CA PRO B 153 7.48 -17.41 0.63
C PRO B 153 8.06 -17.77 -0.73
N LEU B 154 7.67 -18.95 -1.20
CA LEU B 154 7.93 -19.30 -2.60
C LEU B 154 6.96 -18.49 -3.46
N TYR B 155 7.51 -17.57 -4.26
CA TYR B 155 6.68 -16.70 -5.07
C TYR B 155 6.43 -17.38 -6.42
N PRO B 156 5.18 -17.65 -6.79
CA PRO B 156 4.93 -18.30 -8.08
C PRO B 156 5.09 -17.31 -9.23
N ARG B 157 5.34 -17.87 -10.41
CA ARG B 157 5.39 -17.06 -11.62
C ARG B 157 3.99 -16.61 -12.00
N ILE B 158 3.88 -15.37 -12.47
CA ILE B 158 2.63 -14.89 -13.05
C ILE B 158 2.49 -15.50 -14.43
N ALA B 159 1.31 -16.05 -14.72
CA ALA B 159 1.07 -16.69 -16.00
C ALA B 159 1.34 -15.73 -17.15
N ASP B 160 2.08 -16.20 -18.15
CA ASP B 160 2.33 -15.40 -19.34
C ASP B 160 1.01 -15.07 -20.03
N GLY B 161 0.84 -13.81 -20.40
CA GLY B 161 -0.41 -13.32 -20.92
C GLY B 161 -1.35 -12.76 -19.89
N THR B 162 -1.16 -13.10 -18.62
CA THR B 162 -1.97 -12.54 -17.53
C THR B 162 -1.35 -11.24 -17.07
N HIS B 163 -2.20 -10.23 -16.86
CA HIS B 163 -1.76 -8.93 -16.36
C HIS B 163 -2.24 -8.75 -14.92
N LYS B 164 -1.34 -8.95 -13.96
CA LYS B 164 -1.61 -8.64 -12.57
C LYS B 164 -0.36 -8.01 -11.97
N SER B 165 -0.53 -7.32 -10.85
CA SER B 165 0.61 -6.62 -10.28
C SER B 165 1.56 -7.56 -9.57
N GLY B 166 1.03 -8.61 -8.95
CA GLY B 166 1.83 -9.43 -8.05
C GLY B 166 2.32 -8.68 -6.84
N GLU B 167 1.66 -7.59 -6.47
CA GLU B 167 2.10 -6.72 -5.39
C GLU B 167 1.44 -7.12 -4.08
N SER B 168 2.16 -6.92 -2.97
CA SER B 168 1.68 -7.22 -1.64
C SER B 168 1.11 -5.97 -0.98
N PRO B 169 0.32 -6.13 0.09
CA PRO B 169 -0.13 -4.94 0.84
C PRO B 169 1.00 -4.12 1.42
N THR B 170 2.20 -4.68 1.55
CA THR B 170 3.34 -3.93 2.06
C THR B 170 4.17 -3.27 0.96
N HIS B 171 3.76 -3.38 -0.31
CA HIS B 171 4.45 -2.77 -1.44
C HIS B 171 5.83 -3.38 -1.64
N PHE B 172 6.05 -4.61 -1.15
CA PHE B 172 7.38 -5.21 -1.15
C PHE B 172 7.94 -5.38 -2.57
N LYS B 173 7.10 -5.76 -3.54
CA LYS B 173 7.59 -6.00 -4.89
C LYS B 173 8.15 -4.72 -5.51
N ALA B 174 7.36 -3.65 -5.53
CA ALA B 174 7.84 -2.38 -6.06
C ALA B 174 9.04 -1.87 -5.26
N ASP B 175 9.03 -2.06 -3.94
CA ASP B 175 10.12 -1.54 -3.11
C ASP B 175 11.42 -2.29 -3.36
N LEU B 176 11.34 -3.60 -3.57
CA LEU B 176 12.54 -4.37 -3.89
C LEU B 176 13.08 -3.99 -5.27
N ILE B 177 12.18 -3.80 -6.24
CA ILE B 177 12.62 -3.36 -7.56
C ILE B 177 13.28 -1.99 -7.47
N SER B 178 12.69 -1.08 -6.69
N SER B 178 12.70 -1.08 -6.68
CA SER B 178 13.28 0.24 -6.50
CA SER B 178 13.29 0.24 -6.52
C SER B 178 14.68 0.16 -5.89
C SER B 178 14.67 0.16 -5.88
N TYR B 179 14.85 -0.73 -4.91
CA TYR B 179 16.15 -0.90 -4.30
C TYR B 179 17.17 -1.38 -5.33
N LEU B 180 16.79 -2.35 -6.15
CA LEU B 180 17.70 -2.86 -7.17
C LEU B 180 17.96 -1.83 -8.27
N MET B 181 16.97 -1.00 -8.59
CA MET B 181 17.15 0.00 -9.63
C MET B 181 18.23 1.01 -9.26
N ALA B 182 18.41 1.27 -7.96
CA ALA B 182 19.39 2.25 -7.52
C ALA B 182 20.81 1.85 -7.87
N TYR B 183 21.08 0.56 -8.08
CA TYR B 183 22.42 0.13 -8.49
C TYR B 183 22.77 0.59 -9.90
N ASN B 184 21.76 0.76 -10.76
CA ASN B 184 22.01 1.13 -12.16
C ASN B 184 22.93 0.12 -12.86
N ALA B 185 22.68 -1.16 -12.61
CA ALA B 185 23.58 -2.22 -13.04
C ALA B 185 22.87 -3.14 -14.03
N PRO B 186 23.51 -3.45 -15.17
CA PRO B 186 22.83 -4.33 -16.14
C PRO B 186 22.54 -5.73 -15.61
N SER B 187 23.44 -6.28 -14.79
CA SER B 187 23.19 -7.60 -14.22
C SER B 187 21.97 -7.59 -13.31
N LEU B 188 21.70 -6.48 -12.65
CA LEU B 188 20.56 -6.39 -11.75
C LEU B 188 19.27 -6.03 -12.47
N LYS B 189 19.35 -5.39 -13.64
CA LYS B 189 18.14 -5.22 -14.45
C LYS B 189 17.56 -6.58 -14.82
N GLU B 190 18.42 -7.57 -15.07
CA GLU B 190 17.95 -8.90 -15.39
C GLU B 190 17.15 -9.48 -14.22
N TRP B 191 17.62 -9.29 -13.00
CA TRP B 191 16.89 -9.76 -11.83
C TRP B 191 15.62 -8.96 -11.60
N ILE B 192 15.63 -7.66 -11.91
CA ILE B 192 14.41 -6.87 -11.86
C ILE B 192 13.35 -7.48 -12.76
N ASP B 193 13.75 -7.87 -13.98
CA ASP B 193 12.80 -8.47 -14.91
C ASP B 193 12.28 -9.80 -14.38
N VAL B 194 13.13 -10.56 -13.70
CA VAL B 194 12.69 -11.80 -13.06
C VAL B 194 11.62 -11.49 -12.00
N ILE B 195 11.90 -10.52 -11.13
CA ILE B 195 10.95 -10.17 -10.09
C ILE B 195 9.62 -9.71 -10.69
N HIS B 196 9.67 -8.92 -11.77
CA HIS B 196 8.43 -8.46 -12.40
C HIS B 196 7.54 -9.63 -12.79
N LYS B 197 8.13 -10.75 -13.19
CA LYS B 197 7.36 -11.89 -13.66
C LYS B 197 6.80 -12.76 -12.55
N HIS B 198 7.05 -12.42 -11.28
CA HIS B 198 6.59 -13.26 -10.17
C HIS B 198 5.58 -12.53 -9.29
N ASP B 199 4.79 -13.33 -8.57
CA ASP B 199 3.71 -12.84 -7.71
C ASP B 199 4.23 -12.83 -6.28
N LEU B 200 4.49 -11.63 -5.75
CA LEU B 200 5.00 -11.45 -4.40
C LEU B 200 3.90 -11.01 -3.43
N SER B 201 2.64 -11.23 -3.80
CA SER B 201 1.54 -10.65 -3.03
C SER B 201 1.43 -11.20 -1.61
N GLU B 202 1.98 -12.40 -1.33
CA GLU B 202 1.88 -12.95 0.02
C GLU B 202 2.84 -12.31 1.02
N THR B 203 3.69 -11.38 0.58
CA THR B 203 4.71 -10.83 1.46
C THR B 203 4.09 -9.94 2.52
N ASN B 204 4.44 -10.20 3.79
CA ASN B 204 3.88 -9.49 4.92
C ASN B 204 4.89 -8.61 5.65
N VAL B 205 6.10 -8.46 5.11
CA VAL B 205 7.10 -7.55 5.68
C VAL B 205 7.28 -6.35 4.77
N TYR B 206 7.74 -5.25 5.37
CA TYR B 206 8.13 -4.05 4.63
C TYR B 206 9.64 -4.02 4.43
N LEU B 207 10.06 -3.62 3.25
CA LEU B 207 11.48 -3.51 2.95
C LEU B 207 12.02 -2.16 3.45
N ILE B 208 13.17 -2.18 4.13
CA ILE B 208 13.83 -0.94 4.54
C ILE B 208 15.25 -1.00 4.01
N GLY B 209 15.53 -0.22 2.98
CA GLY B 209 16.85 -0.20 2.40
C GLY B 209 17.57 1.12 2.57
N SER B 210 18.89 1.07 2.45
CA SER B 210 19.72 2.25 2.29
C SER B 210 20.50 2.10 1.00
N THR B 211 20.68 3.20 0.29
N THR B 211 20.66 3.20 0.28
CA THR B 211 21.50 3.26 -0.91
CA THR B 211 21.52 3.25 -0.89
C THR B 211 22.28 4.56 -0.88
C THR B 211 22.29 4.55 -0.86
N PRO B 212 23.49 4.59 -1.44
CA PRO B 212 24.30 5.82 -1.38
C PRO B 212 23.66 6.96 -2.16
N GLY B 213 23.71 8.14 -1.57
CA GLY B 213 23.25 9.32 -2.28
C GLY B 213 22.89 10.45 -1.34
N ARG B 214 22.38 11.53 -1.94
N ARG B 214 22.40 11.53 -1.95
CA ARG B 214 21.94 12.71 -1.23
CA ARG B 214 21.93 12.71 -1.23
C ARG B 214 20.49 12.96 -1.66
C ARG B 214 20.49 12.96 -1.66
N PHE B 215 19.55 12.62 -0.79
CA PHE B 215 18.14 12.59 -1.13
C PHE B 215 17.41 13.81 -0.58
N GLN B 216 16.59 14.42 -1.44
CA GLN B 216 15.85 15.64 -1.10
C GLN B 216 14.41 15.46 -1.54
N GLY B 217 13.54 16.30 -0.98
CA GLY B 217 12.16 16.37 -1.44
C GLY B 217 11.45 15.02 -1.41
N SER B 218 10.90 14.63 -2.56
CA SER B 218 10.11 13.41 -2.73
C SER B 218 10.94 12.15 -2.65
N GLN B 219 12.23 12.20 -2.33
CA GLN B 219 13.07 11.01 -2.22
C GLN B 219 13.64 10.80 -0.82
N LYS B 220 13.51 11.77 0.08
CA LYS B 220 14.05 11.61 1.43
C LYS B 220 13.45 10.41 2.14
N ASP B 221 12.16 10.14 1.89
CA ASP B 221 11.46 9.07 2.59
C ASP B 221 11.76 7.68 2.03
N ASN B 222 12.61 7.58 1.00
CA ASN B 222 12.83 6.29 0.35
C ASN B 222 13.78 5.39 1.13
N TRP B 223 14.69 5.94 1.92
CA TRP B 223 15.82 5.16 2.41
C TRP B 223 16.13 5.49 3.87
N GLY B 224 16.84 4.57 4.51
CA GLY B 224 17.45 4.82 5.81
C GLY B 224 16.41 5.12 6.88
N HIS B 225 16.79 5.99 7.82
CA HIS B 225 15.92 6.22 8.96
C HIS B 225 14.67 7.02 8.59
N PHE B 226 14.70 7.81 7.52
CA PHE B 226 13.48 8.46 7.06
C PHE B 226 12.50 7.44 6.46
N ARG B 227 13.02 6.38 5.84
CA ARG B 227 12.14 5.30 5.37
C ARG B 227 11.45 4.61 6.54
N LEU B 228 12.21 4.29 7.59
CA LEU B 228 11.60 3.72 8.79
C LEU B 228 10.55 4.66 9.37
N LYS B 229 10.89 5.94 9.50
CA LYS B 229 9.95 6.93 10.05
C LYS B 229 8.65 6.95 9.25
N LYS B 230 8.74 6.94 7.92
CA LYS B 230 7.54 7.03 7.10
C LYS B 230 6.67 5.79 7.30
N LEU B 231 7.28 4.60 7.37
CA LEU B 231 6.53 3.37 7.58
C LEU B 231 5.83 3.37 8.94
N LEU B 232 6.52 3.84 9.98
CA LEU B 232 5.93 3.89 11.31
C LEU B 232 4.80 4.91 11.39
N LYS B 233 4.93 6.01 10.67
CA LYS B 233 3.86 6.99 10.63
C LYS B 233 2.63 6.45 9.89
N ASP B 234 2.85 5.75 8.78
CA ASP B 234 1.74 5.32 7.94
C ASP B 234 1.08 4.02 8.39
N HIS B 235 1.81 3.13 9.06
CA HIS B 235 1.34 1.77 9.28
C HIS B 235 1.43 1.30 10.73
N ALA B 236 1.77 2.18 11.66
CA ALA B 236 1.71 1.89 13.08
C ALA B 236 0.83 2.94 13.76
N SER B 237 0.33 2.60 14.94
CA SER B 237 -0.54 3.47 15.72
C SER B 237 0.15 3.84 17.02
N SER B 238 -0.10 5.04 17.51
CA SER B 238 0.42 5.47 18.80
C SER B 238 -0.55 5.04 19.89
N MET B 239 -0.02 4.44 20.93
CA MET B 239 -0.79 3.95 22.06
C MET B 239 -0.69 4.93 23.22
N PRO B 240 -1.55 4.79 24.22
CA PRO B 240 -1.39 5.61 25.44
C PRO B 240 -0.03 5.33 26.06
N ASN B 241 0.56 6.38 26.64
CA ASN B 241 1.85 6.27 27.33
C ASN B 241 2.95 5.75 26.41
N ALA B 242 2.87 6.11 25.13
CA ALA B 242 3.93 5.71 24.19
C ALA B 242 5.29 6.23 24.62
N GLU B 243 5.31 7.31 25.39
CA GLU B 243 6.55 7.82 25.99
C GLU B 243 7.27 6.75 26.80
N SER B 244 6.52 5.78 27.31
CA SER B 244 7.07 4.76 28.19
C SER B 244 7.56 3.53 27.46
N TRP B 245 7.26 3.38 26.18
CA TRP B 245 7.72 2.25 25.40
C TRP B 245 9.15 2.53 24.92
N PRO B 246 10.14 1.76 25.37
CA PRO B 246 11.53 2.02 24.98
C PRO B 246 11.78 1.74 23.51
N VAL B 247 12.94 2.20 23.06
CA VAL B 247 13.53 1.81 21.78
C VAL B 247 14.75 0.96 22.11
N VAL B 248 14.91 -0.16 21.41
CA VAL B 248 16.07 -1.04 21.54
C VAL B 248 16.78 -1.11 20.21
N GLY B 249 18.08 -0.86 20.22
CA GLY B 249 18.93 -1.06 19.06
C GLY B 249 20.04 -2.03 19.42
N GLN B 250 20.36 -2.93 18.49
CA GLN B 250 21.28 -4.03 18.76
C GLN B 250 22.09 -4.26 17.49
N PHE B 251 23.42 -4.23 17.61
CA PHE B 251 24.27 -4.08 16.42
C PHE B 251 25.65 -4.66 16.69
N SER B 252 26.45 -4.75 15.62
CA SER B 252 27.80 -5.31 15.72
C SER B 252 28.89 -4.29 15.50
N SER B 253 28.55 -3.05 15.18
CA SER B 253 29.56 -2.02 14.96
C SER B 253 28.94 -0.66 15.21
N VAL B 254 29.82 0.31 15.46
CA VAL B 254 29.42 1.67 15.84
C VAL B 254 30.25 2.65 15.04
N GLY B 255 29.59 3.61 14.38
CA GLY B 255 30.28 4.69 13.71
C GLY B 255 30.49 5.89 14.62
N SER B 256 31.07 6.94 14.05
N SER B 256 31.08 6.94 14.05
CA SER B 256 31.26 8.20 14.76
CA SER B 256 31.24 8.20 14.74
C SER B 256 29.94 8.95 14.78
C SER B 256 29.91 8.93 14.77
N LEU B 257 29.36 9.12 15.98
CA LEU B 257 28.05 9.74 16.13
C LEU B 257 28.09 11.21 16.51
N GLY B 258 29.24 11.76 16.88
CA GLY B 258 29.36 13.15 17.24
C GLY B 258 29.76 13.33 18.70
N ALA B 259 29.98 14.60 19.05
CA ALA B 259 30.54 14.94 20.35
C ALA B 259 29.55 14.76 21.50
N ASP B 260 28.25 14.67 21.21
CA ASP B 260 27.26 14.39 22.24
C ASP B 260 26.03 13.78 21.57
N GLU B 261 25.06 13.37 22.39
CA GLU B 261 23.87 12.68 21.87
C GLU B 261 22.98 13.60 21.04
N SER B 262 23.13 14.91 21.17
CA SER B 262 22.28 15.85 20.43
C SER B 262 22.65 15.95 18.96
N LYS B 263 23.85 15.49 18.57
CA LYS B 263 24.30 15.73 17.20
C LYS B 263 23.62 14.81 16.20
N TRP B 264 23.20 13.62 16.61
CA TRP B 264 22.56 12.69 15.68
C TRP B 264 21.77 11.62 16.40
N LEU B 265 22.36 11.01 17.43
CA LEU B 265 21.75 9.82 18.03
C LEU B 265 20.36 10.10 18.57
N CYS B 266 20.23 11.10 19.41
CA CYS B 266 18.93 11.38 20.01
C CYS B 266 18.13 12.41 19.23
N SER B 267 18.78 13.19 18.36
CA SER B 267 18.08 14.24 17.62
C SER B 267 17.32 13.69 16.43
N GLU B 268 18.00 12.98 15.52
CA GLU B 268 17.32 12.48 14.34
C GLU B 268 17.15 10.97 14.28
N PHE B 269 18.13 10.19 14.75
CA PHE B 269 17.98 8.73 14.72
C PHE B 269 16.86 8.28 15.67
N LYS B 270 16.97 8.65 16.94
CA LYS B 270 15.95 8.26 17.91
C LYS B 270 14.59 8.86 17.57
N GLU B 271 14.57 10.08 17.02
CA GLU B 271 13.32 10.72 16.61
C GLU B 271 12.58 9.85 15.61
N SER B 272 13.29 9.33 14.61
CA SER B 272 12.66 8.44 13.64
C SER B 272 12.19 7.16 14.29
N MET B 273 13.01 6.61 15.19
CA MET B 273 12.72 5.31 15.80
C MET B 273 11.52 5.37 16.74
N LEU B 274 11.23 6.53 17.32
CA LEU B 274 10.10 6.62 18.25
C LEU B 274 8.81 7.02 17.56
N THR B 275 8.82 7.21 16.24
CA THR B 275 7.63 7.61 15.53
C THR B 275 6.58 6.50 15.58
N LEU B 276 5.33 6.89 15.85
CA LEU B 276 4.20 5.98 15.79
C LEU B 276 2.99 6.78 15.33
N GLY B 277 2.41 6.40 14.19
CA GLY B 277 1.19 7.04 13.75
C GLY B 277 1.40 8.41 13.14
N LYS B 278 0.29 9.04 12.77
CA LYS B 278 0.32 10.22 11.91
C LYS B 278 0.20 11.55 12.64
N GLU B 279 -0.11 11.54 13.93
CA GLU B 279 -0.28 12.80 14.66
C GLU B 279 1.01 13.21 15.34
N SER B 280 1.31 14.51 15.24
CA SER B 280 2.53 15.10 15.78
C SER B 280 2.84 14.67 17.22
N SER B 287 11.83 11.76 26.09
CA SER B 287 11.86 11.05 27.36
C SER B 287 11.86 9.53 27.15
N VAL B 288 11.76 9.11 25.89
CA VAL B 288 11.70 7.69 25.56
C VAL B 288 13.03 7.03 25.93
N PRO B 289 13.03 5.93 26.68
CA PRO B 289 14.31 5.26 26.99
C PRO B 289 14.91 4.62 25.75
N LEU B 290 16.24 4.69 25.65
CA LEU B 290 16.98 4.12 24.53
C LEU B 290 17.97 3.11 25.07
N TYR B 291 17.80 1.85 24.69
CA TYR B 291 18.68 0.76 25.10
C TYR B 291 19.49 0.33 23.88
N LEU B 292 20.81 0.39 23.97
CA LEU B 292 21.69 -0.08 22.91
C LEU B 292 22.40 -1.33 23.42
N ILE B 293 22.32 -2.42 22.65
CA ILE B 293 22.91 -3.70 23.01
C ILE B 293 24.14 -3.93 22.15
N TYR B 294 25.30 -4.04 22.80
CA TYR B 294 26.56 -4.22 22.11
C TYR B 294 27.49 -5.00 23.02
N PRO B 295 28.21 -6.01 22.51
CA PRO B 295 29.00 -6.87 23.41
C PRO B 295 30.06 -6.11 24.20
N SER B 296 30.12 -6.40 25.49
CA SER B 296 31.22 -5.95 26.33
C SER B 296 32.47 -6.78 26.03
N VAL B 297 33.60 -6.29 26.54
CA VAL B 297 34.84 -7.07 26.44
C VAL B 297 34.65 -8.45 27.08
N GLU B 298 33.99 -8.49 28.24
N GLU B 298 33.99 -8.49 28.24
CA GLU B 298 33.77 -9.77 28.91
CA GLU B 298 33.77 -9.77 28.91
C GLU B 298 32.89 -10.70 28.08
C GLU B 298 32.89 -10.70 28.09
N ASN B 299 31.86 -10.15 27.44
CA ASN B 299 31.02 -10.97 26.55
C ASN B 299 31.87 -11.64 25.48
N VAL B 300 32.78 -10.88 24.86
CA VAL B 300 33.62 -11.43 23.81
C VAL B 300 34.62 -12.42 24.39
N ARG B 301 35.27 -12.05 25.51
CA ARG B 301 36.33 -12.88 26.07
C ARG B 301 35.84 -14.29 26.38
N THR B 302 34.62 -14.41 26.89
CA THR B 302 34.11 -15.72 27.30
C THR B 302 33.18 -16.34 26.27
N SER B 303 33.21 -15.84 25.03
CA SER B 303 32.32 -16.35 24.00
C SER B 303 32.82 -17.70 23.47
N LEU B 304 31.98 -18.34 22.63
CA LEU B 304 32.38 -19.60 22.02
C LEU B 304 33.67 -19.44 21.22
N GLU B 305 33.83 -18.31 20.54
CA GLU B 305 35.04 -18.07 19.76
C GLU B 305 36.18 -17.45 20.57
N GLY B 306 35.87 -16.86 21.72
CA GLY B 306 36.86 -16.08 22.42
C GLY B 306 37.10 -14.74 21.72
N TYR B 307 38.26 -14.15 21.99
CA TYR B 307 38.61 -12.85 21.41
C TYR B 307 38.44 -12.76 19.90
N PRO B 308 38.71 -13.80 19.10
CA PRO B 308 38.52 -13.67 17.65
C PRO B 308 37.09 -13.33 17.23
N ALA B 309 36.10 -13.55 18.10
CA ALA B 309 34.77 -13.03 17.77
C ALA B 309 34.80 -11.53 17.58
N GLY B 310 35.71 -10.84 18.27
CA GLY B 310 35.83 -9.40 18.15
C GLY B 310 36.38 -8.92 16.84
N GLY B 311 36.95 -9.82 16.03
CA GLY B 311 37.30 -9.46 14.67
C GLY B 311 36.10 -9.08 13.83
N SER B 312 34.89 -9.50 14.23
CA SER B 312 33.65 -9.15 13.56
C SER B 312 32.81 -8.17 14.37
N LEU B 313 33.42 -7.46 15.31
CA LEU B 313 32.77 -6.39 16.07
C LEU B 313 33.63 -5.15 15.92
N PRO B 314 33.61 -4.51 14.74
CA PRO B 314 34.68 -3.54 14.41
C PRO B 314 34.46 -2.10 14.90
N TYR B 315 34.50 -1.94 16.21
CA TYR B 315 34.43 -0.63 16.85
C TYR B 315 35.87 -0.22 17.16
N SER B 316 36.33 0.86 16.55
CA SER B 316 37.73 1.25 16.64
C SER B 316 37.95 2.22 17.80
N ILE B 317 39.18 2.21 18.34
CA ILE B 317 39.50 3.08 19.46
C ILE B 317 39.44 4.54 19.05
N GLN B 318 39.85 4.84 17.81
CA GLN B 318 39.80 6.22 17.32
C GLN B 318 38.39 6.78 17.37
N THR B 319 37.40 5.96 17.02
CA THR B 319 36.01 6.39 17.10
C THR B 319 35.51 6.43 18.54
N ALA B 320 35.78 5.37 19.31
CA ALA B 320 35.21 5.26 20.65
C ALA B 320 35.68 6.40 21.55
N GLU B 321 36.93 6.82 21.42
CA GLU B 321 37.49 7.81 22.35
C GLU B 321 36.90 9.20 22.13
N LYS B 322 36.23 9.44 21.00
CA LYS B 322 35.59 10.72 20.74
C LYS B 322 34.15 10.77 21.23
N GLN B 323 33.62 9.67 21.75
CA GLN B 323 32.20 9.59 22.08
C GLN B 323 31.98 8.69 23.29
N ASN B 324 32.75 8.90 24.35
CA ASN B 324 32.53 8.09 25.55
C ASN B 324 31.16 8.34 26.18
N TRP B 325 30.53 9.47 25.88
CA TRP B 325 29.15 9.68 26.31
C TRP B 325 28.24 8.56 25.85
N LEU B 326 28.56 7.94 24.70
CA LEU B 326 27.66 6.94 24.12
C LEU B 326 27.59 5.68 24.97
N HIS B 327 28.65 5.36 25.70
CA HIS B 327 28.72 4.06 26.34
C HIS B 327 27.81 3.92 27.56
N SER B 328 27.30 5.03 28.09
N SER B 328 27.29 5.03 28.08
CA SER B 328 26.28 4.94 29.14
CA SER B 328 26.29 4.96 29.14
C SER B 328 24.97 4.36 28.65
C SER B 328 24.96 4.39 28.64
N TYR B 329 24.79 4.24 27.33
CA TYR B 329 23.61 3.62 26.75
C TYR B 329 23.78 2.12 26.54
N PHE B 330 24.97 1.58 26.77
CA PHE B 330 25.28 0.22 26.32
C PHE B 330 24.84 -0.83 27.32
N HIS B 331 24.29 -1.91 26.78
CA HIS B 331 23.79 -3.06 27.54
C HIS B 331 24.45 -4.31 26.99
N LYS B 332 24.64 -5.29 27.88
CA LYS B 332 25.36 -6.51 27.54
C LYS B 332 24.58 -7.36 26.54
N TRP B 333 25.30 -8.20 25.81
CA TRP B 333 24.68 -9.25 25.01
C TRP B 333 24.27 -10.39 25.94
N SER B 334 22.99 -10.78 25.89
CA SER B 334 22.51 -11.90 26.68
C SER B 334 21.39 -12.54 25.88
N ALA B 335 21.46 -13.85 25.69
CA ALA B 335 20.51 -14.53 24.83
C ALA B 335 20.20 -15.92 25.37
N GLU B 336 19.92 -16.00 26.67
CA GLU B 336 19.50 -17.27 27.27
C GLU B 336 18.26 -17.82 26.58
N THR B 337 17.37 -16.95 26.12
CA THR B 337 16.15 -17.39 25.46
C THR B 337 16.44 -18.30 24.27
N SER B 338 17.56 -18.09 23.56
CA SER B 338 17.90 -18.88 22.40
C SER B 338 19.19 -19.67 22.59
N GLY B 339 19.67 -19.78 23.83
CA GLY B 339 20.90 -20.51 24.10
C GLY B 339 22.14 -19.87 23.51
N ARG B 340 22.11 -18.56 23.25
CA ARG B 340 23.11 -17.91 22.42
C ARG B 340 23.88 -16.81 23.14
N SER B 341 23.91 -16.81 24.47
CA SER B 341 24.67 -15.78 25.19
C SER B 341 26.15 -15.80 24.82
N ASN B 342 26.69 -16.96 24.44
CA ASN B 342 28.09 -17.07 24.08
C ASN B 342 28.34 -17.05 22.59
N ALA B 343 27.28 -16.86 21.78
CA ALA B 343 27.40 -16.77 20.33
C ALA B 343 27.30 -15.29 19.97
N MET B 344 28.45 -14.66 19.72
CA MET B 344 28.46 -13.21 19.60
C MET B 344 27.57 -12.74 18.47
N PRO B 345 26.88 -11.60 18.64
CA PRO B 345 25.91 -11.16 17.62
C PRO B 345 26.60 -10.52 16.42
N HIS B 346 26.23 -11.01 15.25
CA HIS B 346 26.43 -10.27 14.00
C HIS B 346 25.10 -9.89 13.37
N ILE B 347 23.99 -10.38 13.92
CA ILE B 347 22.67 -9.85 13.59
C ILE B 347 22.59 -8.38 14.02
N LYS B 348 21.74 -7.61 13.34
CA LYS B 348 21.38 -6.27 13.79
C LYS B 348 19.86 -6.23 13.89
N THR B 349 19.35 -5.70 15.00
CA THR B 349 17.92 -5.62 15.19
C THR B 349 17.56 -4.32 15.89
N TYR B 350 16.34 -3.85 15.62
CA TYR B 350 15.79 -2.66 16.26
C TYR B 350 14.33 -2.96 16.55
N MET B 351 13.82 -2.46 17.67
CA MET B 351 12.47 -2.83 18.06
C MET B 351 11.95 -1.87 19.12
N ARG B 352 10.63 -1.92 19.34
CA ARG B 352 9.94 -0.97 20.22
C ARG B 352 9.11 -1.76 21.22
N PRO B 353 9.73 -2.22 22.31
CA PRO B 353 8.98 -2.98 23.32
C PRO B 353 8.11 -2.11 24.20
N SER B 354 7.15 -2.78 24.86
CA SER B 354 6.30 -2.16 25.86
C SER B 354 7.11 -1.92 27.14
N PRO B 355 6.58 -1.13 28.08
CA PRO B 355 7.38 -0.80 29.27
C PRO B 355 7.80 -2.02 30.09
N ASP B 356 7.03 -3.11 30.07
CA ASP B 356 7.41 -4.33 30.76
C ASP B 356 8.00 -5.38 29.83
N PHE B 357 8.29 -5.01 28.58
CA PHE B 357 8.97 -5.87 27.61
C PHE B 357 8.17 -7.12 27.25
N SER B 358 6.86 -7.11 27.51
CA SER B 358 6.04 -8.27 27.21
C SER B 358 5.46 -8.23 25.81
N LYS B 359 5.46 -7.06 25.18
CA LYS B 359 4.96 -6.89 23.82
C LYS B 359 5.91 -5.99 23.06
N ILE B 360 5.79 -5.99 21.74
CA ILE B 360 6.55 -5.07 20.89
C ILE B 360 5.62 -4.46 19.86
N ALA B 361 5.86 -3.19 19.55
CA ALA B 361 5.11 -2.47 18.52
C ALA B 361 5.62 -2.74 17.11
N TRP B 362 6.87 -3.21 16.97
CA TRP B 362 7.45 -3.53 15.69
C TRP B 362 8.84 -4.14 15.92
N PHE B 363 9.36 -4.79 14.90
CA PHE B 363 10.66 -5.44 14.95
C PHE B 363 11.30 -5.34 13.57
N LEU B 364 12.58 -4.98 13.53
CA LEU B 364 13.35 -4.86 12.30
C LEU B 364 14.61 -5.69 12.40
N VAL B 365 14.85 -6.55 11.41
N VAL B 365 14.83 -6.57 11.43
CA VAL B 365 16.15 -7.22 11.26
CA VAL B 365 16.11 -7.22 11.21
C VAL B 365 16.81 -6.64 10.01
C VAL B 365 16.78 -6.50 10.05
N THR B 366 18.09 -6.29 10.12
CA THR B 366 18.75 -5.51 9.09
C THR B 366 20.26 -5.73 9.11
N SER B 367 20.92 -5.25 8.05
N SER B 367 20.91 -5.24 8.07
CA SER B 367 22.37 -5.17 8.01
CA SER B 367 22.37 -5.18 8.05
C SER B 367 22.90 -3.90 8.66
C SER B 367 22.90 -3.87 8.61
N ALA B 368 22.02 -2.93 8.96
CA ALA B 368 22.45 -1.59 9.35
C ALA B 368 22.91 -1.54 10.79
N ASN B 369 24.18 -1.17 10.97
CA ASN B 369 24.77 -0.94 12.28
C ASN B 369 24.41 0.47 12.77
N LEU B 370 24.92 0.82 13.96
CA LEU B 370 24.64 2.13 14.56
C LEU B 370 25.62 3.15 13.98
N SER B 371 25.26 3.66 12.81
CA SER B 371 26.15 4.60 12.14
C SER B 371 25.35 5.49 11.20
N LYS B 372 25.86 6.71 11.01
CA LYS B 372 25.27 7.64 10.06
C LYS B 372 25.44 7.15 8.62
N ALA B 373 26.53 6.43 8.34
CA ALA B 373 26.73 5.91 6.99
C ALA B 373 25.62 4.96 6.59
N ALA B 374 25.12 4.17 7.55
CA ALA B 374 24.10 3.16 7.27
C ALA B 374 22.70 3.76 7.27
N TRP B 375 22.42 4.66 8.21
CA TRP B 375 21.06 5.13 8.42
C TRP B 375 20.78 6.49 7.78
N GLY B 376 21.82 7.24 7.44
CA GLY B 376 21.66 8.55 6.85
C GLY B 376 21.83 9.66 7.88
N ALA B 377 22.31 10.80 7.40
CA ALA B 377 22.49 12.00 8.22
C ALA B 377 22.02 13.19 7.42
N LEU B 378 21.23 14.05 8.05
CA LEU B 378 20.69 15.22 7.37
C LEU B 378 21.80 16.25 7.11
N GLU B 379 21.70 16.89 5.95
CA GLU B 379 22.60 17.98 5.55
C GLU B 379 21.75 19.12 5.02
N LYS B 380 22.42 20.25 4.77
CA LYS B 380 21.80 21.41 4.13
C LYS B 380 20.56 21.88 4.91
N ASN B 381 20.79 22.17 6.20
CA ASN B 381 19.73 22.54 7.14
C ASN B 381 18.50 21.65 7.03
N GLY B 382 18.73 20.34 7.13
CA GLY B 382 17.64 19.38 7.22
C GLY B 382 16.90 19.09 5.93
N THR B 383 17.42 19.53 4.79
CA THR B 383 16.74 19.34 3.51
C THR B 383 17.28 18.16 2.71
N GLN B 384 18.39 17.56 3.12
CA GLN B 384 19.06 16.53 2.33
C GLN B 384 19.50 15.42 3.27
N LEU B 385 19.07 14.20 3.00
CA LEU B 385 19.52 13.02 3.74
C LEU B 385 20.64 12.36 2.96
N MET B 386 21.83 12.31 3.56
CA MET B 386 23.00 11.73 2.92
C MET B 386 23.29 10.36 3.50
N ILE B 387 23.38 9.35 2.63
CA ILE B 387 23.66 7.97 2.99
C ILE B 387 24.90 7.53 2.21
N ARG B 388 25.81 6.84 2.90
CA ARG B 388 27.05 6.39 2.27
C ARG B 388 27.01 4.96 1.76
N SER B 389 26.14 4.11 2.31
CA SER B 389 26.26 2.67 2.16
C SER B 389 24.98 2.05 1.62
N TYR B 390 25.12 0.80 1.17
CA TYR B 390 23.98 -0.05 0.87
C TYR B 390 23.67 -0.89 2.10
N GLU B 391 22.40 -0.86 2.54
CA GLU B 391 21.93 -1.68 3.64
C GLU B 391 20.55 -2.22 3.28
N LEU B 392 20.15 -3.29 3.95
CA LEU B 392 18.83 -3.84 3.70
C LEU B 392 18.32 -4.61 4.90
N GLY B 393 17.04 -4.41 5.22
CA GLY B 393 16.38 -5.15 6.28
C GLY B 393 14.89 -5.27 5.99
N VAL B 394 14.21 -6.03 6.85
CA VAL B 394 12.76 -6.19 6.77
C VAL B 394 12.11 -5.82 8.09
N LEU B 395 10.97 -5.14 7.99
CA LEU B 395 10.24 -4.63 9.15
C LEU B 395 8.97 -5.43 9.33
N PHE B 396 8.77 -5.92 10.55
CA PHE B 396 7.56 -6.60 10.97
C PHE B 396 6.68 -5.63 11.73
N LEU B 397 5.51 -5.32 11.18
CA LEU B 397 4.54 -4.44 11.82
C LEU B 397 3.29 -5.21 12.17
N PRO B 398 2.76 -5.06 13.38
CA PRO B 398 1.53 -5.78 13.74
C PRO B 398 0.38 -5.61 12.76
N SER B 399 0.19 -4.41 12.21
CA SER B 399 -0.91 -4.20 11.28
C SER B 399 -0.80 -5.10 10.05
N ALA B 400 0.42 -5.46 9.66
CA ALA B 400 0.57 -6.33 8.50
C ALA B 400 0.15 -7.75 8.78
N PHE B 401 -0.14 -8.07 10.05
CA PHE B 401 -0.58 -9.39 10.46
C PHE B 401 -1.96 -9.35 11.10
N GLY B 402 -2.68 -8.23 10.95
CA GLY B 402 -3.99 -8.09 11.58
C GLY B 402 -3.94 -7.99 13.09
N LEU B 403 -2.86 -7.44 13.64
CA LEU B 403 -2.68 -7.36 15.08
C LEU B 403 -2.40 -5.91 15.48
N ASP B 404 -2.58 -5.63 16.77
CA ASP B 404 -2.25 -4.32 17.33
C ASP B 404 -0.84 -4.28 17.90
N SER B 405 -0.34 -5.42 18.37
CA SER B 405 1.04 -5.55 18.84
C SER B 405 1.42 -7.02 18.72
N PHE B 406 2.71 -7.30 18.91
CA PHE B 406 3.18 -8.67 18.99
C PHE B 406 3.51 -9.00 20.44
N LYS B 407 3.06 -10.18 20.89
N LYS B 407 3.08 -10.19 20.88
CA LYS B 407 3.56 -10.72 22.14
CA LYS B 407 3.56 -10.74 22.14
C LYS B 407 4.98 -11.21 21.94
C LYS B 407 4.98 -11.22 21.94
N VAL B 408 5.82 -11.06 22.97
CA VAL B 408 7.18 -11.53 22.89
C VAL B 408 7.21 -13.01 23.24
N LYS B 409 7.83 -13.82 22.38
CA LYS B 409 7.99 -15.24 22.64
C LYS B 409 8.92 -15.45 23.83
N GLN B 410 8.44 -16.22 24.81
CA GLN B 410 9.17 -16.32 26.06
C GLN B 410 10.41 -17.19 25.95
N LYS B 411 10.36 -18.24 25.13
CA LYS B 411 11.54 -19.03 24.81
C LYS B 411 11.59 -19.21 23.30
N PHE B 412 12.69 -18.76 22.69
CA PHE B 412 12.77 -18.59 21.24
C PHE B 412 12.42 -19.87 20.49
N PHE B 413 12.82 -21.03 21.02
CA PHE B 413 12.65 -22.29 20.32
C PHE B 413 11.49 -23.13 20.86
N ALA B 414 10.76 -22.64 21.86
CA ALA B 414 9.64 -23.40 22.42
C ALA B 414 8.32 -23.00 21.77
N PRO B 419 0.96 -17.67 18.98
CA PRO B 419 1.65 -18.38 17.89
C PRO B 419 1.75 -17.51 16.64
N MET B 420 0.62 -17.29 15.97
CA MET B 420 0.56 -16.28 14.94
C MET B 420 0.62 -14.87 15.52
N ALA B 421 0.68 -14.75 16.84
CA ALA B 421 0.71 -13.46 17.51
C ALA B 421 1.97 -13.20 18.30
N THR B 422 2.89 -14.17 18.40
CA THR B 422 4.03 -14.10 19.31
C THR B 422 5.34 -14.03 18.54
N PHE B 423 6.08 -12.95 18.74
CA PHE B 423 7.25 -12.78 17.88
C PHE B 423 8.50 -13.34 18.54
N PRO B 424 9.34 -14.08 17.77
CA PRO B 424 10.54 -14.71 18.33
C PRO B 424 11.73 -13.76 18.46
N VAL B 425 11.73 -12.98 19.53
CA VAL B 425 12.85 -12.09 19.84
C VAL B 425 14.04 -12.94 20.26
N PRO B 426 15.22 -12.79 19.63
CA PRO B 426 16.30 -13.76 19.82
C PRO B 426 17.22 -13.53 21.01
N TYR B 427 17.07 -12.43 21.75
CA TYR B 427 17.90 -12.17 22.91
C TYR B 427 16.99 -11.77 24.08
N ASP B 428 17.60 -11.64 25.25
CA ASP B 428 16.86 -11.54 26.50
C ASP B 428 16.36 -10.12 26.75
N LEU B 429 15.17 -10.03 27.33
CA LEU B 429 14.61 -8.77 27.76
C LEU B 429 14.25 -8.88 29.23
N PRO B 430 14.39 -7.79 30.02
CA PRO B 430 14.94 -6.51 29.57
C PRO B 430 16.46 -6.62 29.40
N PRO B 431 17.04 -5.78 28.55
CA PRO B 431 18.51 -5.77 28.42
C PRO B 431 19.16 -5.30 29.71
N GLU B 432 20.36 -5.82 29.96
CA GLU B 432 21.08 -5.57 31.20
C GLU B 432 22.19 -4.57 30.98
N LEU B 433 22.20 -3.51 31.78
CA LEU B 433 23.19 -2.45 31.65
C LEU B 433 24.58 -3.01 31.92
N TYR B 434 25.58 -2.48 31.20
CA TYR B 434 26.97 -2.74 31.53
C TYR B 434 27.21 -2.49 33.01
N GLY B 435 28.03 -3.33 33.62
CA GLY B 435 28.51 -3.06 34.97
C GLY B 435 29.54 -1.96 34.97
N SER B 436 29.85 -1.48 36.17
CA SER B 436 30.77 -0.35 36.29
C SER B 436 32.16 -0.67 35.76
N LYS B 437 32.53 -1.94 35.73
CA LYS B 437 33.85 -2.35 35.23
C LYS B 437 33.81 -2.87 33.81
N ASP B 438 32.62 -2.95 33.20
CA ASP B 438 32.52 -3.38 31.82
C ASP B 438 32.94 -2.26 30.87
N ARG B 439 33.43 -2.65 29.71
CA ARG B 439 33.80 -1.72 28.65
C ARG B 439 33.30 -2.28 27.33
N PRO B 440 32.97 -1.42 26.37
CA PRO B 440 32.55 -1.92 25.06
C PRO B 440 33.72 -2.62 24.37
N TRP B 441 33.41 -3.66 23.62
CA TRP B 441 34.45 -4.28 22.81
C TRP B 441 34.99 -3.29 21.81
N ILE B 442 36.30 -3.07 21.82
CA ILE B 442 37.00 -2.22 20.88
C ILE B 442 38.02 -3.11 20.18
N TRP B 443 37.92 -3.21 18.86
CA TRP B 443 38.59 -4.31 18.17
C TRP B 443 40.08 -4.11 17.98
N ASN B 444 40.58 -2.87 18.03
CA ASN B 444 41.96 -2.59 17.64
C ASN B 444 42.84 -2.13 18.80
N ILE B 445 42.54 -2.60 20.02
CA ILE B 445 43.45 -2.46 21.16
C ILE B 445 43.72 -3.84 21.70
N PRO B 446 44.83 -4.04 22.40
CA PRO B 446 45.16 -5.37 22.93
C PRO B 446 44.40 -5.69 24.21
N TYR B 447 44.12 -6.99 24.38
CA TYR B 447 43.56 -7.53 25.61
C TYR B 447 44.51 -8.63 26.06
N VAL B 448 45.37 -8.31 27.03
CA VAL B 448 46.46 -9.18 27.43
C VAL B 448 46.44 -9.51 28.92
N LYS B 449 45.44 -9.05 29.66
CA LYS B 449 45.42 -9.30 31.10
C LYS B 449 44.65 -10.56 31.49
N ALA B 450 43.75 -11.04 30.63
CA ALA B 450 42.93 -12.19 30.94
C ALA B 450 42.76 -13.02 29.67
N PRO B 451 43.10 -14.31 29.72
CA PRO B 451 42.93 -15.16 28.53
C PRO B 451 41.46 -15.41 28.25
N ASP B 452 41.17 -15.76 27.00
CA ASP B 452 39.81 -16.01 26.56
C ASP B 452 39.45 -17.49 26.74
N THR B 453 38.29 -17.87 26.19
CA THR B 453 37.80 -19.25 26.20
C THR B 453 38.85 -20.25 25.78
N HIS B 454 39.72 -19.88 24.84
CA HIS B 454 40.70 -20.79 24.26
C HIS B 454 42.11 -20.56 24.81
N GLY B 455 42.23 -19.82 25.90
CA GLY B 455 43.52 -19.60 26.51
C GLY B 455 44.39 -18.57 25.83
N ASN B 456 43.79 -17.74 24.97
CA ASN B 456 44.54 -16.83 24.11
C ASN B 456 44.33 -15.38 24.56
N MET B 457 45.30 -14.56 24.20
CA MET B 457 45.19 -13.11 24.29
C MET B 457 44.88 -12.54 22.92
N TRP B 458 44.53 -11.25 22.90
CA TRP B 458 44.17 -10.56 21.66
C TRP B 458 45.16 -9.43 21.42
N VAL B 459 45.89 -9.53 20.31
CA VAL B 459 46.87 -8.52 19.95
C VAL B 459 46.71 -8.19 18.47
N PRO B 460 45.97 -7.12 18.12
CA PRO B 460 45.72 -6.68 16.74
C PRO B 460 46.99 -6.41 15.95
#